data_1JZR
#
_entry.id   1JZR
#
_cell.length_a   54.649
_cell.length_b   124.966
_cell.length_c   161.238
_cell.angle_alpha   90.00
_cell.angle_beta   90.00
_cell.angle_gamma   90.00
#
_symmetry.space_group_name_H-M   'P 21 21 21'
#
loop_
_entity.id
_entity.type
_entity.pdbx_description
1 polymer 'URE2 PROTEIN'
2 non-polymer GLUTATHIONE
#
_entity_poly.entity_id   1
_entity_poly.type   'polypeptide(L)'
_entity_poly.pdbx_seq_one_letter_code
;SHVEYSRITKFFQEQPLEGYTLFSHRSAPNGFKVAIVLSELGFHYNTIFLDFNLGEHRAPEFVSVNPNARVPALIDHGMD
NLSIWESGAILLHLVNKYYKETGNPLLWSDDLADQSQINAWLFFQTSGHAPMIGQALHFRYFHSQKIASAVERYTDEVRR
VYGVVEMALAERREALVMELDTENAAAYSAGTTPMSQSRFFDYPVWLVGDKLTIADLAFVPWNNVVDRIGINIKIEFPEV
YKWTKHMMRRPAVIKALRGE
;
_entity_poly.pdbx_strand_id   A,B,C,D
#
loop_
_chem_comp.id
_chem_comp.type
_chem_comp.name
_chem_comp.formula
GSH non-polymer GLUTATHIONE 'C10 H17 N3 O6 S'
#
# COMPACT_ATOMS: atom_id res chain seq x y z
N SER A 6 -6.87 -44.54 13.29
CA SER A 6 -7.21 -44.58 11.83
C SER A 6 -8.55 -45.28 11.54
N ARG A 7 -9.52 -45.14 12.45
CA ARG A 7 -10.85 -45.74 12.30
C ARG A 7 -11.51 -45.29 10.99
N ILE A 8 -10.89 -44.27 10.39
CA ILE A 8 -11.36 -43.69 9.14
C ILE A 8 -10.73 -44.41 7.92
N THR A 9 -9.64 -45.13 8.14
CA THR A 9 -8.93 -45.87 7.09
C THR A 9 -9.78 -46.83 6.25
N LYS A 10 -9.97 -48.06 6.74
CA LYS A 10 -10.77 -49.04 5.98
C LYS A 10 -12.19 -48.56 5.70
N PHE A 11 -12.52 -47.37 6.19
CA PHE A 11 -13.83 -46.80 5.94
C PHE A 11 -13.71 -46.31 4.49
N PHE A 12 -12.45 -46.32 4.02
CA PHE A 12 -12.07 -45.89 2.65
C PHE A 12 -11.56 -47.06 1.79
N GLN A 13 -12.10 -48.26 1.97
CA GLN A 13 -11.69 -49.43 1.18
C GLN A 13 -12.87 -50.37 0.95
N GLU A 14 -14.06 -49.77 0.89
CA GLU A 14 -15.31 -50.49 0.68
C GLU A 14 -16.39 -49.47 1.06
N GLN A 15 -16.44 -48.39 0.29
CA GLN A 15 -17.38 -47.29 0.50
C GLN A 15 -18.75 -47.61 -0.12
N PRO A 16 -19.82 -46.99 0.43
CA PRO A 16 -21.19 -47.20 -0.06
C PRO A 16 -21.31 -46.93 -1.56
N LEU A 17 -22.40 -47.40 -2.17
CA LEU A 17 -22.63 -47.19 -3.60
C LEU A 17 -23.58 -46.02 -3.78
N GLU A 18 -24.25 -45.65 -2.70
CA GLU A 18 -25.17 -44.52 -2.71
C GLU A 18 -25.25 -43.96 -1.30
N GLY A 19 -26.09 -42.95 -1.09
CA GLY A 19 -26.20 -42.36 0.22
C GLY A 19 -25.08 -41.36 0.48
N TYR A 20 -24.98 -40.88 1.71
CA TYR A 20 -23.96 -39.91 2.08
C TYR A 20 -23.36 -40.29 3.43
N THR A 21 -22.19 -39.73 3.72
CA THR A 21 -21.49 -39.97 4.96
C THR A 21 -21.10 -38.59 5.45
N LEU A 22 -21.65 -38.19 6.59
CA LEU A 22 -21.36 -36.88 7.16
C LEU A 22 -20.26 -36.90 8.22
N PHE A 23 -19.40 -35.90 8.17
CA PHE A 23 -18.32 -35.78 9.14
C PHE A 23 -18.66 -34.58 10.02
N SER A 24 -19.03 -34.86 11.27
CA SER A 24 -19.40 -33.82 12.21
C SER A 24 -18.76 -34.10 13.56
N HIS A 25 -19.16 -33.31 14.55
CA HIS A 25 -18.70 -33.43 15.92
C HIS A 25 -19.97 -33.25 16.76
N ARG A 26 -20.02 -33.93 17.91
CA ARG A 26 -21.20 -33.89 18.77
C ARG A 26 -21.64 -32.50 19.20
N SER A 27 -20.83 -31.48 18.90
CA SER A 27 -21.17 -30.11 19.31
C SER A 27 -21.06 -29.08 18.17
N ALA A 28 -20.37 -29.44 17.10
CA ALA A 28 -20.19 -28.54 15.97
C ALA A 28 -21.51 -27.98 15.39
N PRO A 29 -21.84 -26.73 15.72
CA PRO A 29 -23.09 -26.16 15.19
C PRO A 29 -23.17 -26.24 13.65
N ASN A 30 -22.03 -26.01 12.99
CA ASN A 30 -21.96 -26.06 11.55
C ASN A 30 -22.19 -27.47 11.06
N GLY A 31 -21.89 -28.44 11.92
CA GLY A 31 -22.10 -29.83 11.53
C GLY A 31 -23.59 -30.10 11.52
N PHE A 32 -24.28 -29.52 12.49
CA PHE A 32 -25.72 -29.67 12.64
C PHE A 32 -26.44 -29.04 11.45
N LYS A 33 -25.83 -28.01 10.87
CA LYS A 33 -26.41 -27.34 9.71
C LYS A 33 -26.67 -28.34 8.59
N VAL A 34 -25.70 -29.24 8.36
CA VAL A 34 -25.81 -30.25 7.30
C VAL A 34 -26.74 -31.39 7.70
N ALA A 35 -26.75 -31.72 8.99
CA ALA A 35 -27.64 -32.78 9.44
C ALA A 35 -29.06 -32.34 9.09
N ILE A 36 -29.45 -31.20 9.63
CA ILE A 36 -30.79 -30.66 9.40
C ILE A 36 -31.18 -30.65 7.92
N VAL A 37 -30.36 -30.03 7.08
CA VAL A 37 -30.67 -29.97 5.66
C VAL A 37 -30.78 -31.39 5.07
N LEU A 38 -29.83 -32.25 5.41
CA LEU A 38 -29.82 -33.62 4.92
C LEU A 38 -31.12 -34.36 5.29
N SER A 39 -31.61 -34.15 6.52
CA SER A 39 -32.83 -34.82 6.94
C SER A 39 -34.04 -34.21 6.26
N GLU A 40 -34.03 -32.90 6.14
CA GLU A 40 -35.14 -32.19 5.51
C GLU A 40 -35.36 -32.62 4.07
N LEU A 41 -34.28 -32.97 3.37
CA LEU A 41 -34.40 -33.36 1.97
C LEU A 41 -34.58 -34.86 1.74
N GLY A 42 -34.69 -35.61 2.82
CA GLY A 42 -34.90 -37.04 2.73
C GLY A 42 -33.70 -37.88 2.34
N PHE A 43 -32.50 -37.32 2.36
CA PHE A 43 -31.32 -38.12 2.01
C PHE A 43 -30.92 -39.03 3.19
N HIS A 44 -30.50 -40.25 2.88
CA HIS A 44 -30.07 -41.21 3.92
C HIS A 44 -28.55 -41.00 4.09
N TYR A 45 -28.10 -40.88 5.34
CA TYR A 45 -26.69 -40.61 5.60
C TYR A 45 -26.10 -41.15 6.88
N ASN A 46 -24.86 -41.62 6.78
CA ASN A 46 -24.14 -42.11 7.92
C ASN A 46 -23.64 -40.85 8.59
N THR A 47 -23.20 -40.96 9.83
CA THR A 47 -22.65 -39.80 10.52
C THR A 47 -21.48 -40.26 11.36
N ILE A 48 -20.31 -39.75 11.00
CA ILE A 48 -19.07 -40.04 11.71
C ILE A 48 -18.71 -38.81 12.56
N PHE A 49 -18.78 -38.95 13.88
CA PHE A 49 -18.42 -37.87 14.77
C PHE A 49 -16.95 -37.98 15.13
N LEU A 50 -16.19 -36.95 14.81
CA LEU A 50 -14.75 -36.91 15.07
C LEU A 50 -14.52 -36.33 16.47
N ASP A 51 -13.38 -36.65 17.06
CA ASP A 51 -13.02 -36.13 18.35
C ASP A 51 -11.85 -35.15 18.19
N PHE A 52 -12.14 -33.86 18.34
CA PHE A 52 -11.13 -32.82 18.20
C PHE A 52 -9.92 -33.02 19.11
N ASN A 53 -10.18 -33.25 20.40
CA ASN A 53 -9.10 -33.43 21.38
C ASN A 53 -8.09 -34.52 21.01
N LEU A 54 -8.58 -35.64 20.49
CA LEU A 54 -7.67 -36.71 20.08
C LEU A 54 -7.08 -36.30 18.73
N GLY A 55 -7.46 -35.12 18.27
CA GLY A 55 -6.96 -34.58 17.02
C GLY A 55 -7.42 -35.21 15.71
N GLU A 56 -8.41 -36.09 15.78
CA GLU A 56 -8.91 -36.80 14.60
C GLU A 56 -9.24 -35.95 13.36
N HIS A 57 -9.59 -34.69 13.56
CA HIS A 57 -9.93 -33.82 12.43
C HIS A 57 -8.65 -33.30 11.81
N ARG A 58 -7.54 -33.82 12.29
CA ARG A 58 -6.23 -33.40 11.81
C ARG A 58 -5.45 -34.54 11.16
N ALA A 59 -5.93 -35.78 11.32
CA ALA A 59 -5.26 -36.96 10.75
C ALA A 59 -5.31 -36.97 9.22
N PRO A 60 -4.26 -37.50 8.58
CA PRO A 60 -4.14 -37.59 7.12
C PRO A 60 -5.38 -38.00 6.34
N GLU A 61 -5.87 -39.21 6.58
CA GLU A 61 -7.05 -39.70 5.85
C GLU A 61 -8.22 -38.73 5.79
N PHE A 62 -8.38 -37.88 6.80
CA PHE A 62 -9.49 -36.93 6.79
C PHE A 62 -9.21 -35.61 6.08
N VAL A 63 -8.00 -35.06 6.22
CA VAL A 63 -7.72 -33.79 5.53
C VAL A 63 -7.60 -34.07 4.03
N SER A 64 -7.76 -35.34 3.67
CA SER A 64 -7.71 -35.76 2.27
C SER A 64 -9.12 -35.53 1.76
N VAL A 65 -10.04 -35.41 2.72
CA VAL A 65 -11.46 -35.17 2.46
C VAL A 65 -11.72 -33.67 2.58
N ASN A 66 -11.12 -33.04 3.59
CA ASN A 66 -11.25 -31.61 3.81
C ASN A 66 -9.86 -31.10 4.16
N PRO A 67 -9.16 -30.54 3.17
CA PRO A 67 -7.82 -30.00 3.38
C PRO A 67 -7.76 -29.02 4.53
N ASN A 68 -8.86 -28.29 4.70
CA ASN A 68 -8.90 -27.32 5.78
C ASN A 68 -8.85 -27.98 7.14
N ALA A 69 -9.30 -29.24 7.20
CA ALA A 69 -9.31 -30.01 8.43
C ALA A 69 -10.27 -29.49 9.51
N ARG A 70 -11.51 -29.23 9.12
CA ARG A 70 -12.53 -28.76 10.05
C ARG A 70 -13.81 -29.53 9.69
N VAL A 71 -14.86 -29.40 10.51
CA VAL A 71 -16.12 -30.07 10.18
C VAL A 71 -17.19 -29.01 10.00
N PRO A 72 -18.24 -29.30 9.19
CA PRO A 72 -18.50 -30.55 8.46
C PRO A 72 -17.75 -30.80 7.15
N ALA A 73 -17.97 -32.00 6.61
CA ALA A 73 -17.39 -32.46 5.34
C ALA A 73 -18.32 -33.59 4.95
N LEU A 74 -18.73 -33.63 3.69
CA LEU A 74 -19.68 -34.64 3.24
C LEU A 74 -19.28 -35.43 1.99
N ILE A 75 -19.13 -36.75 2.14
CA ILE A 75 -18.80 -37.61 1.01
C ILE A 75 -20.10 -37.94 0.27
N ASP A 76 -20.18 -37.63 -1.02
CA ASP A 76 -21.37 -37.94 -1.82
C ASP A 76 -21.08 -39.25 -2.56
N HIS A 77 -21.34 -40.38 -1.88
CA HIS A 77 -21.09 -41.70 -2.43
C HIS A 77 -21.62 -41.93 -3.84
N GLY A 78 -22.84 -41.50 -4.10
CA GLY A 78 -23.41 -41.70 -5.43
C GLY A 78 -22.60 -41.03 -6.50
N MET A 79 -22.21 -39.78 -6.25
CA MET A 79 -21.42 -39.01 -7.21
C MET A 79 -19.97 -39.43 -7.12
N ASP A 80 -19.75 -40.74 -7.10
CA ASP A 80 -18.41 -41.32 -7.04
C ASP A 80 -17.62 -40.80 -5.85
N ASN A 81 -18.25 -40.80 -4.69
CA ASN A 81 -17.60 -40.37 -3.45
C ASN A 81 -17.05 -38.95 -3.45
N LEU A 82 -17.80 -38.02 -4.02
CA LEU A 82 -17.37 -36.63 -4.07
C LEU A 82 -17.19 -36.06 -2.65
N SER A 83 -16.18 -35.22 -2.44
CA SER A 83 -15.97 -34.60 -1.13
C SER A 83 -16.27 -33.09 -1.20
N ILE A 84 -17.18 -32.64 -0.34
CA ILE A 84 -17.51 -31.22 -0.28
C ILE A 84 -17.20 -30.86 1.16
N TRP A 85 -16.57 -29.71 1.42
CA TRP A 85 -16.25 -29.42 2.81
C TRP A 85 -16.86 -28.22 3.50
N GLU A 86 -16.95 -27.08 2.87
CA GLU A 86 -17.53 -25.97 3.63
C GLU A 86 -19.03 -26.16 3.84
N SER A 87 -19.51 -26.00 5.06
CA SER A 87 -20.93 -26.17 5.36
C SER A 87 -21.79 -25.46 4.31
N GLY A 88 -21.43 -24.23 3.99
CA GLY A 88 -22.15 -23.46 2.99
C GLY A 88 -22.07 -24.19 1.66
N ALA A 89 -20.89 -24.70 1.33
CA ALA A 89 -20.71 -25.44 0.08
C ALA A 89 -21.59 -26.69 0.11
N ILE A 90 -21.65 -27.34 1.26
CA ILE A 90 -22.44 -28.55 1.38
C ILE A 90 -23.95 -28.29 1.23
N LEU A 91 -24.45 -27.18 1.78
CA LEU A 91 -25.88 -26.90 1.63
C LEU A 91 -26.26 -26.65 0.17
N LEU A 92 -25.51 -25.80 -0.52
CA LEU A 92 -25.79 -25.51 -1.91
C LEU A 92 -25.68 -26.78 -2.77
N HIS A 93 -24.84 -27.72 -2.36
CA HIS A 93 -24.71 -28.94 -3.12
C HIS A 93 -25.96 -29.78 -2.97
N LEU A 94 -26.46 -29.88 -1.74
CA LEU A 94 -27.64 -30.66 -1.46
C LEU A 94 -28.91 -30.10 -2.11
N VAL A 95 -29.18 -28.81 -1.94
CA VAL A 95 -30.39 -28.26 -2.54
C VAL A 95 -30.30 -28.33 -4.07
N ASN A 96 -29.08 -28.22 -4.62
CA ASN A 96 -28.90 -28.29 -6.07
C ASN A 96 -29.22 -29.71 -6.50
N LYS A 97 -28.60 -30.66 -5.80
CA LYS A 97 -28.75 -32.10 -6.03
C LYS A 97 -30.22 -32.53 -5.97
N TYR A 98 -30.99 -31.95 -5.04
CA TYR A 98 -32.39 -32.32 -4.90
C TYR A 98 -33.23 -31.71 -6.04
N TYR A 99 -32.92 -30.47 -6.41
CA TYR A 99 -33.64 -29.81 -7.49
C TYR A 99 -33.41 -30.53 -8.82
N LYS A 100 -32.21 -31.07 -8.98
CA LYS A 100 -31.87 -31.77 -10.22
C LYS A 100 -32.57 -33.12 -10.31
N GLU A 101 -32.70 -33.82 -9.18
CA GLU A 101 -33.34 -35.13 -9.15
C GLU A 101 -34.85 -35.04 -9.03
N THR A 102 -35.31 -33.99 -8.37
CA THR A 102 -36.74 -33.81 -8.12
C THR A 102 -37.54 -32.91 -9.03
N GLY A 103 -37.02 -31.72 -9.32
CA GLY A 103 -37.75 -30.78 -10.13
C GLY A 103 -38.46 -29.78 -9.21
N ASN A 104 -38.30 -29.95 -7.90
CA ASN A 104 -38.90 -29.06 -6.90
C ASN A 104 -37.83 -28.41 -6.02
N PRO A 105 -37.64 -27.09 -6.14
CA PRO A 105 -36.65 -26.32 -5.38
C PRO A 105 -36.92 -26.27 -3.87
N LEU A 106 -36.90 -27.43 -3.24
CA LEU A 106 -37.16 -27.53 -1.81
C LEU A 106 -36.05 -26.88 -0.99
N LEU A 107 -36.41 -25.95 -0.10
CA LEU A 107 -35.41 -25.26 0.71
C LEU A 107 -34.54 -24.38 -0.17
N TRP A 108 -34.84 -24.39 -1.46
CA TRP A 108 -34.08 -23.65 -2.46
C TRP A 108 -35.06 -22.84 -3.30
N SER A 109 -34.67 -22.52 -4.52
CA SER A 109 -35.50 -21.75 -5.43
C SER A 109 -35.09 -22.02 -6.88
N ASP A 110 -36.08 -22.09 -7.77
CA ASP A 110 -35.80 -22.34 -9.17
C ASP A 110 -35.68 -21.00 -9.89
N ASP A 111 -35.76 -19.92 -9.12
CA ASP A 111 -35.66 -18.55 -9.65
C ASP A 111 -34.26 -18.02 -9.32
N LEU A 112 -33.61 -17.35 -10.28
CA LEU A 112 -32.27 -16.82 -10.07
C LEU A 112 -32.14 -15.68 -9.03
N ALA A 113 -33.08 -14.74 -9.03
CA ALA A 113 -33.02 -13.64 -8.08
C ALA A 113 -33.25 -14.11 -6.64
N ASP A 114 -33.98 -15.22 -6.48
CA ASP A 114 -34.20 -15.76 -5.14
C ASP A 114 -32.95 -16.49 -4.68
N GLN A 115 -32.31 -17.21 -5.61
CA GLN A 115 -31.08 -17.94 -5.28
C GLN A 115 -30.03 -16.93 -4.80
N SER A 116 -29.94 -15.80 -5.47
CA SER A 116 -28.97 -14.77 -5.10
C SER A 116 -29.26 -14.25 -3.70
N GLN A 117 -30.52 -13.95 -3.43
CA GLN A 117 -30.94 -13.45 -2.12
C GLN A 117 -30.70 -14.52 -1.05
N ILE A 118 -30.82 -15.79 -1.42
CA ILE A 118 -30.60 -16.87 -0.47
C ILE A 118 -29.11 -17.04 -0.21
N ASN A 119 -28.31 -16.99 -1.27
CA ASN A 119 -26.86 -17.13 -1.16
C ASN A 119 -26.36 -15.95 -0.33
N ALA A 120 -26.99 -14.80 -0.51
CA ALA A 120 -26.61 -13.60 0.22
C ALA A 120 -26.74 -13.85 1.73
N TRP A 121 -27.93 -14.20 2.19
CA TRP A 121 -28.14 -14.49 3.60
C TRP A 121 -27.26 -15.64 4.10
N LEU A 122 -27.01 -16.61 3.24
CA LEU A 122 -26.18 -17.76 3.60
C LEU A 122 -24.71 -17.38 3.73
N PHE A 123 -24.19 -16.59 2.78
CA PHE A 123 -22.81 -16.17 2.88
C PHE A 123 -22.65 -15.25 4.08
N PHE A 124 -23.66 -14.41 4.31
CA PHE A 124 -23.66 -13.47 5.43
C PHE A 124 -23.68 -14.27 6.72
N GLN A 125 -24.42 -15.36 6.73
CA GLN A 125 -24.51 -16.19 7.92
C GLN A 125 -23.13 -16.78 8.26
N THR A 126 -22.62 -17.64 7.38
CA THR A 126 -21.34 -18.28 7.62
C THR A 126 -20.13 -17.36 7.73
N SER A 127 -20.25 -16.11 7.30
CA SER A 127 -19.09 -15.23 7.37
C SER A 127 -19.20 -14.08 8.36
N GLY A 128 -20.41 -13.62 8.60
CA GLY A 128 -20.59 -12.52 9.54
C GLY A 128 -21.25 -12.94 10.84
N HIS A 129 -21.94 -14.07 10.83
CA HIS A 129 -22.66 -14.55 12.02
C HIS A 129 -21.97 -15.66 12.80
N ALA A 130 -21.58 -16.73 12.10
CA ALA A 130 -20.91 -17.86 12.72
C ALA A 130 -19.52 -17.51 13.28
N PRO A 131 -18.59 -17.01 12.42
CA PRO A 131 -17.24 -16.65 12.89
C PRO A 131 -17.24 -15.75 14.13
N MET A 132 -18.01 -14.67 14.08
CA MET A 132 -18.06 -13.75 15.21
C MET A 132 -18.51 -14.47 16.48
N ILE A 133 -19.56 -15.28 16.40
CA ILE A 133 -20.01 -16.02 17.57
C ILE A 133 -18.86 -16.89 18.07
N GLY A 134 -18.22 -17.59 17.15
CA GLY A 134 -17.09 -18.43 17.53
C GLY A 134 -16.09 -17.63 18.32
N GLN A 135 -15.73 -16.46 17.81
CA GLN A 135 -14.76 -15.58 18.46
C GLN A 135 -15.27 -15.16 19.82
N ALA A 136 -16.54 -14.77 19.90
CA ALA A 136 -17.11 -14.38 21.18
C ALA A 136 -16.88 -15.52 22.16
N LEU A 137 -17.25 -16.74 21.76
CA LEU A 137 -17.08 -17.90 22.63
C LEU A 137 -15.63 -18.05 23.10
N HIS A 138 -14.68 -17.95 22.17
CA HIS A 138 -13.27 -18.12 22.52
C HIS A 138 -12.77 -17.21 23.63
N PHE A 139 -12.96 -15.90 23.46
CA PHE A 139 -12.49 -14.96 24.46
C PHE A 139 -13.21 -15.03 25.81
N ARG A 140 -14.44 -15.55 25.83
CA ARG A 140 -15.15 -15.66 27.08
C ARG A 140 -14.81 -16.97 27.81
N TYR A 141 -14.59 -18.04 27.05
CA TYR A 141 -14.31 -19.31 27.70
C TYR A 141 -12.95 -19.96 27.52
N PHE A 142 -12.29 -19.75 26.38
CA PHE A 142 -11.04 -20.44 26.21
C PHE A 142 -9.75 -19.66 26.01
N HIS A 143 -9.84 -18.37 25.73
CA HIS A 143 -8.62 -17.63 25.52
C HIS A 143 -7.72 -17.63 26.75
N SER A 144 -6.42 -17.76 26.49
CA SER A 144 -5.40 -17.81 27.53
C SER A 144 -5.40 -16.65 28.52
N GLN A 145 -6.38 -15.77 28.44
CA GLN A 145 -6.45 -14.60 29.34
C GLN A 145 -7.83 -13.92 29.21
N LYS A 146 -8.34 -13.36 30.31
CA LYS A 146 -9.66 -12.69 30.26
C LYS A 146 -9.51 -11.24 29.82
N ILE A 147 -10.07 -10.91 28.66
CA ILE A 147 -10.01 -9.56 28.11
C ILE A 147 -11.40 -9.07 27.67
N ALA A 148 -12.05 -8.30 28.54
CA ALA A 148 -13.40 -7.81 28.27
C ALA A 148 -13.58 -7.07 26.94
N SER A 149 -12.63 -6.19 26.60
CA SER A 149 -12.71 -5.44 25.35
C SER A 149 -12.80 -6.38 24.16
N ALA A 150 -12.12 -7.52 24.27
CA ALA A 150 -12.14 -8.50 23.20
C ALA A 150 -13.50 -9.18 23.15
N VAL A 151 -14.02 -9.58 24.30
CA VAL A 151 -15.32 -10.24 24.30
C VAL A 151 -16.40 -9.28 23.82
N GLU A 152 -16.44 -8.07 24.40
CA GLU A 152 -17.43 -7.06 24.02
C GLU A 152 -17.47 -6.87 22.49
N ARG A 153 -16.30 -6.78 21.89
CA ARG A 153 -16.18 -6.61 20.44
C ARG A 153 -17.06 -7.58 19.66
N TYR A 154 -16.87 -8.87 19.89
CA TYR A 154 -17.65 -9.88 19.18
C TYR A 154 -19.10 -10.04 19.63
N THR A 155 -19.38 -9.92 20.92
CA THR A 155 -20.76 -10.03 21.36
C THR A 155 -21.54 -8.86 20.75
N ASP A 156 -20.91 -7.69 20.71
CA ASP A 156 -21.55 -6.50 20.12
C ASP A 156 -21.83 -6.72 18.64
N GLU A 157 -20.80 -7.14 17.91
CA GLU A 157 -20.96 -7.40 16.49
C GLU A 157 -22.08 -8.42 16.27
N VAL A 158 -22.12 -9.45 17.12
CA VAL A 158 -23.16 -10.45 16.99
C VAL A 158 -24.54 -9.81 17.19
N ARG A 159 -24.62 -8.80 18.04
CA ARG A 159 -25.90 -8.14 18.25
C ARG A 159 -26.20 -7.31 17.00
N ARG A 160 -25.16 -6.77 16.38
CA ARG A 160 -25.36 -5.98 15.18
C ARG A 160 -26.02 -6.85 14.13
N VAL A 161 -25.48 -8.06 13.98
CA VAL A 161 -25.99 -9.04 13.01
C VAL A 161 -27.45 -9.39 13.28
N TYR A 162 -27.76 -9.78 14.51
CA TYR A 162 -29.13 -10.12 14.83
C TYR A 162 -30.06 -8.94 14.57
N GLY A 163 -29.53 -7.73 14.76
CA GLY A 163 -30.32 -6.54 14.50
C GLY A 163 -30.64 -6.48 13.02
N VAL A 164 -29.69 -6.92 12.21
CA VAL A 164 -29.85 -6.95 10.76
C VAL A 164 -30.97 -7.92 10.38
N VAL A 165 -30.86 -9.15 10.83
CA VAL A 165 -31.87 -10.15 10.53
C VAL A 165 -33.23 -9.81 11.17
N GLU A 166 -33.18 -9.18 12.34
CA GLU A 166 -34.41 -8.82 13.06
C GLU A 166 -35.20 -7.79 12.30
N MET A 167 -34.51 -6.80 11.76
CA MET A 167 -35.15 -5.73 10.99
C MET A 167 -35.64 -6.33 9.68
N ALA A 168 -34.85 -7.28 9.15
CA ALA A 168 -35.21 -7.94 7.92
C ALA A 168 -36.52 -8.74 8.10
N LEU A 169 -36.62 -9.49 9.19
CA LEU A 169 -37.82 -10.28 9.44
C LEU A 169 -39.00 -9.39 9.79
N ALA A 170 -38.74 -8.25 10.41
CA ALA A 170 -39.79 -7.33 10.77
C ALA A 170 -40.46 -6.77 9.52
N GLU A 171 -39.66 -6.42 8.52
CA GLU A 171 -40.19 -5.90 7.27
C GLU A 171 -41.01 -6.98 6.58
N ARG A 172 -40.54 -8.23 6.64
CA ARG A 172 -41.27 -9.33 6.03
C ARG A 172 -42.62 -9.49 6.75
N ARG A 173 -42.58 -9.45 8.07
CA ARG A 173 -43.79 -9.54 8.88
C ARG A 173 -44.72 -8.41 8.46
N GLU A 174 -44.22 -7.19 8.60
CA GLU A 174 -44.96 -5.99 8.26
C GLU A 174 -45.61 -6.15 6.89
N ALA A 175 -44.86 -6.69 5.95
CA ALA A 175 -45.35 -6.92 4.59
C ALA A 175 -46.54 -7.87 4.65
N LEU A 176 -46.39 -8.94 5.42
CA LEU A 176 -47.44 -9.93 5.58
C LEU A 176 -48.64 -9.26 6.23
N VAL A 177 -48.50 -8.87 7.49
CA VAL A 177 -49.57 -8.22 8.23
C VAL A 177 -50.41 -7.30 7.37
N MET A 178 -49.79 -6.69 6.35
CA MET A 178 -50.57 -5.82 5.47
C MET A 178 -51.46 -6.71 4.60
N GLU A 179 -52.15 -7.63 5.28
CA GLU A 179 -53.10 -8.55 4.64
C GLU A 179 -54.42 -8.51 5.39
N LEU A 180 -54.80 -7.29 5.78
CA LEU A 180 -56.05 -7.03 6.46
C LEU A 180 -57.13 -7.18 5.38
N ASP A 181 -58.02 -8.16 5.56
CA ASP A 181 -59.09 -8.41 4.61
C ASP A 181 -60.46 -8.27 5.27
N ASP A 202 -51.17 -14.74 12.76
CA ASP A 202 -50.09 -15.59 13.25
C ASP A 202 -49.55 -16.54 12.17
N TYR A 203 -48.48 -16.11 11.49
CA TYR A 203 -47.87 -16.91 10.44
C TYR A 203 -46.37 -16.81 10.51
N PRO A 204 -45.68 -17.88 10.10
CA PRO A 204 -44.22 -17.86 10.11
C PRO A 204 -43.72 -16.91 9.01
N VAL A 205 -42.56 -16.30 9.26
CA VAL A 205 -41.93 -15.39 8.29
C VAL A 205 -40.59 -16.01 7.89
N TRP A 206 -40.15 -15.75 6.66
CA TRP A 206 -38.89 -16.30 6.18
C TRP A 206 -38.04 -15.27 5.47
N LEU A 207 -36.73 -15.46 5.52
CA LEU A 207 -35.79 -14.53 4.90
C LEU A 207 -35.98 -14.35 3.39
N VAL A 208 -36.26 -15.43 2.67
CA VAL A 208 -36.43 -15.33 1.21
C VAL A 208 -37.58 -16.11 0.58
N GLY A 209 -38.24 -15.46 -0.37
CA GLY A 209 -39.34 -16.07 -1.10
C GLY A 209 -40.55 -16.57 -0.32
N ASP A 210 -40.82 -15.95 0.84
CA ASP A 210 -41.97 -16.37 1.64
C ASP A 210 -42.00 -17.91 1.73
N LYS A 211 -40.83 -18.49 1.99
CA LYS A 211 -40.68 -19.94 2.12
C LYS A 211 -39.40 -20.24 2.89
N LEU A 212 -39.40 -21.38 3.58
CA LEU A 212 -38.23 -21.80 4.35
C LEU A 212 -37.14 -22.24 3.38
N THR A 213 -35.90 -21.83 3.63
CA THR A 213 -34.81 -22.23 2.75
C THR A 213 -33.53 -22.39 3.54
N ILE A 214 -32.48 -22.90 2.90
CA ILE A 214 -31.22 -23.06 3.60
C ILE A 214 -30.77 -21.70 4.11
N ALA A 215 -31.38 -20.64 3.62
CA ALA A 215 -31.05 -19.29 4.08
C ALA A 215 -31.42 -19.15 5.57
N ASP A 216 -32.57 -19.71 5.94
CA ASP A 216 -33.07 -19.63 7.32
C ASP A 216 -32.42 -20.71 8.20
N LEU A 217 -32.50 -21.96 7.78
CA LEU A 217 -31.95 -23.08 8.54
C LEU A 217 -30.47 -23.00 8.88
N ALA A 218 -29.75 -22.14 8.17
CA ALA A 218 -28.32 -21.99 8.45
C ALA A 218 -28.09 -21.30 9.80
N PHE A 219 -29.06 -20.51 10.25
CA PHE A 219 -28.96 -19.80 11.51
C PHE A 219 -29.32 -20.55 12.81
N VAL A 220 -30.32 -21.43 12.76
CA VAL A 220 -30.78 -22.15 13.97
C VAL A 220 -29.75 -22.81 14.87
N PRO A 221 -28.79 -23.55 14.28
CA PRO A 221 -27.78 -24.21 15.11
C PRO A 221 -27.03 -23.21 15.99
N TRP A 222 -26.72 -22.04 15.41
CA TRP A 222 -26.00 -21.00 16.14
C TRP A 222 -26.93 -20.19 17.04
N ASN A 223 -28.18 -20.04 16.61
CA ASN A 223 -29.17 -19.33 17.40
C ASN A 223 -29.36 -19.96 18.79
N ASN A 224 -29.25 -21.28 18.84
CA ASN A 224 -29.43 -22.02 20.08
C ASN A 224 -28.21 -21.96 20.99
N VAL A 225 -27.16 -21.27 20.56
CA VAL A 225 -25.97 -21.25 21.38
C VAL A 225 -25.51 -19.86 21.84
N VAL A 226 -26.09 -18.81 21.27
CA VAL A 226 -25.69 -17.45 21.63
C VAL A 226 -25.95 -17.05 23.08
N ASP A 227 -26.73 -17.85 23.80
CA ASP A 227 -26.99 -17.52 25.18
C ASP A 227 -25.71 -17.72 26.00
N ARG A 228 -24.88 -18.67 25.58
CA ARG A 228 -23.62 -18.94 26.26
C ARG A 228 -22.74 -17.70 26.26
N ILE A 229 -23.16 -16.65 25.55
CA ILE A 229 -22.40 -15.40 25.52
C ILE A 229 -23.29 -14.25 25.98
N GLY A 230 -24.35 -14.57 26.71
CA GLY A 230 -25.26 -13.56 27.23
C GLY A 230 -26.26 -12.92 26.30
N ILE A 231 -26.63 -13.60 25.21
CA ILE A 231 -27.62 -12.99 24.32
C ILE A 231 -28.93 -13.74 24.43
N ASN A 232 -29.94 -13.02 24.91
CA ASN A 232 -31.28 -13.57 25.08
C ASN A 232 -32.10 -13.12 23.87
N ILE A 233 -32.29 -14.04 22.95
CA ILE A 233 -33.06 -13.78 21.75
C ILE A 233 -34.54 -13.48 22.07
N LYS A 234 -35.16 -14.31 22.90
CA LYS A 234 -36.57 -14.13 23.27
C LYS A 234 -36.88 -12.73 23.80
N ILE A 235 -35.90 -12.12 24.48
CA ILE A 235 -36.07 -10.79 25.03
C ILE A 235 -35.56 -9.69 24.09
N GLU A 236 -34.39 -9.92 23.50
CA GLU A 236 -33.77 -8.94 22.61
C GLU A 236 -34.22 -8.96 21.17
N PHE A 237 -34.52 -10.13 20.64
CA PHE A 237 -34.92 -10.19 19.26
C PHE A 237 -36.23 -10.93 19.05
N PRO A 238 -37.36 -10.20 19.19
CA PRO A 238 -38.74 -10.68 19.05
C PRO A 238 -38.97 -11.45 17.77
N GLU A 239 -38.92 -10.76 16.63
CA GLU A 239 -39.13 -11.42 15.35
C GLU A 239 -38.16 -12.58 15.16
N VAL A 240 -36.97 -12.47 15.75
CA VAL A 240 -36.01 -13.55 15.63
C VAL A 240 -36.43 -14.74 16.49
N TYR A 241 -37.01 -14.46 17.65
CA TYR A 241 -37.46 -15.53 18.54
C TYR A 241 -38.53 -16.37 17.88
N LYS A 242 -39.41 -15.72 17.12
CA LYS A 242 -40.48 -16.45 16.43
C LYS A 242 -39.85 -17.25 15.31
N TRP A 243 -39.12 -16.56 14.46
CA TRP A 243 -38.43 -17.14 13.33
C TRP A 243 -37.73 -18.43 13.78
N THR A 244 -36.97 -18.36 14.87
CA THR A 244 -36.26 -19.54 15.34
C THR A 244 -37.13 -20.52 16.14
N LYS A 245 -38.20 -20.06 16.76
CA LYS A 245 -39.06 -20.99 17.51
C LYS A 245 -39.71 -21.90 16.46
N HIS A 246 -40.04 -21.32 15.31
CA HIS A 246 -40.63 -22.03 14.19
C HIS A 246 -39.71 -23.11 13.66
N MET A 247 -38.44 -22.78 13.44
CA MET A 247 -37.48 -23.76 12.93
C MET A 247 -37.18 -24.85 13.95
N MET A 248 -37.09 -24.47 15.22
CA MET A 248 -36.80 -25.45 16.27
C MET A 248 -37.92 -26.47 16.38
N ARG A 249 -39.17 -26.04 16.15
CA ARG A 249 -40.28 -26.96 16.23
C ARG A 249 -40.37 -27.95 15.07
N ARG A 250 -39.46 -27.83 14.09
CA ARG A 250 -39.45 -28.73 12.94
C ARG A 250 -38.76 -30.04 13.30
N PRO A 251 -39.44 -31.18 13.09
CA PRO A 251 -38.89 -32.51 13.40
C PRO A 251 -37.39 -32.67 13.11
N ALA A 252 -37.01 -32.59 11.84
CA ALA A 252 -35.60 -32.72 11.44
C ALA A 252 -34.62 -31.94 12.33
N VAL A 253 -34.93 -30.69 12.66
CA VAL A 253 -34.05 -29.87 13.50
C VAL A 253 -33.86 -30.47 14.89
N ILE A 254 -34.89 -31.16 15.38
CA ILE A 254 -34.86 -31.81 16.69
C ILE A 254 -34.29 -33.20 16.44
N LYS A 255 -34.84 -33.84 15.41
CA LYS A 255 -34.49 -35.18 14.97
C LYS A 255 -33.00 -35.34 14.73
N ALA A 256 -32.25 -34.27 15.02
CA ALA A 256 -30.81 -34.28 14.83
C ALA A 256 -30.15 -33.09 15.49
N LEU A 257 -30.51 -32.84 16.74
CA LEU A 257 -29.92 -31.74 17.49
C LEU A 257 -29.56 -32.32 18.85
N ARG A 258 -29.94 -33.58 19.03
CA ARG A 258 -29.68 -34.32 20.25
C ARG A 258 -28.21 -34.69 20.36
N GLY A 259 -27.35 -33.97 19.64
CA GLY A 259 -25.92 -34.23 19.68
C GLY A 259 -25.47 -35.24 18.64
N VAL B 3 -22.89 12.94 8.48
CA VAL B 3 -24.00 12.11 7.93
C VAL B 3 -24.69 12.79 6.75
N GLU B 4 -24.09 12.69 5.56
CA GLU B 4 -24.63 13.30 4.34
C GLU B 4 -24.67 12.34 3.16
N TYR B 5 -25.82 11.72 2.98
CA TYR B 5 -26.04 10.76 1.91
C TYR B 5 -27.10 11.25 0.93
N SER B 6 -27.21 12.57 0.79
CA SER B 6 -28.18 13.16 -0.13
C SER B 6 -27.84 12.74 -1.54
N ARG B 7 -26.58 12.36 -1.76
CA ARG B 7 -26.09 11.92 -3.05
C ARG B 7 -26.58 10.50 -3.35
N ILE B 8 -26.39 9.59 -2.40
CA ILE B 8 -26.81 8.21 -2.56
C ILE B 8 -28.32 8.14 -2.83
N THR B 9 -29.07 9.01 -2.16
CA THR B 9 -30.53 9.04 -2.34
C THR B 9 -30.91 9.39 -3.79
N LYS B 10 -30.14 10.28 -4.40
CA LYS B 10 -30.41 10.68 -5.78
C LYS B 10 -30.21 9.46 -6.67
N PHE B 11 -29.22 8.64 -6.33
CA PHE B 11 -28.92 7.46 -7.14
C PHE B 11 -30.13 6.56 -7.29
N PHE B 12 -30.83 6.30 -6.19
CA PHE B 12 -31.98 5.41 -6.22
C PHE B 12 -33.27 5.93 -6.85
N GLN B 13 -33.29 7.19 -7.26
CA GLN B 13 -34.47 7.75 -7.88
C GLN B 13 -34.33 7.71 -9.41
N GLU B 14 -33.07 7.80 -9.87
CA GLU B 14 -32.78 7.75 -11.31
C GLU B 14 -31.80 6.58 -11.54
N GLN B 15 -32.31 5.37 -11.38
CA GLN B 15 -31.46 4.20 -11.57
C GLN B 15 -31.32 3.83 -13.05
N PRO B 16 -30.11 3.47 -13.46
CA PRO B 16 -29.85 3.10 -14.85
C PRO B 16 -30.83 2.05 -15.37
N LEU B 17 -31.06 2.05 -16.68
CA LEU B 17 -31.98 1.09 -17.29
C LEU B 17 -31.56 -0.34 -16.93
N GLU B 18 -30.45 -0.75 -17.51
CA GLU B 18 -29.87 -2.05 -17.31
C GLU B 18 -28.38 -1.87 -17.04
N GLY B 19 -27.69 -2.96 -16.73
CA GLY B 19 -26.27 -2.85 -16.43
C GLY B 19 -26.05 -3.16 -14.96
N TYR B 20 -24.95 -2.66 -14.42
CA TYR B 20 -24.63 -2.92 -13.02
C TYR B 20 -24.00 -1.71 -12.33
N THR B 21 -24.29 -1.56 -11.04
CA THR B 21 -23.70 -0.50 -10.24
C THR B 21 -23.12 -1.22 -9.04
N LEU B 22 -21.91 -0.83 -8.66
CA LEU B 22 -21.24 -1.44 -7.54
C LEU B 22 -20.98 -0.41 -6.46
N PHE B 23 -21.35 -0.75 -5.24
CA PHE B 23 -21.11 0.14 -4.12
C PHE B 23 -19.92 -0.45 -3.41
N SER B 24 -18.80 0.27 -3.45
CA SER B 24 -17.59 -0.22 -2.81
C SER B 24 -16.88 0.92 -2.10
N HIS B 25 -15.58 0.75 -1.85
CA HIS B 25 -14.77 1.74 -1.16
C HIS B 25 -13.32 1.46 -1.55
N ARG B 26 -12.55 2.52 -1.78
CA ARG B 26 -11.17 2.38 -2.23
C ARG B 26 -10.23 1.49 -1.43
N SER B 27 -10.63 1.08 -0.23
CA SER B 27 -9.75 0.21 0.55
C SER B 27 -10.46 -1.08 0.94
N ALA B 28 -11.46 -1.46 0.15
CA ALA B 28 -12.24 -2.65 0.40
C ALA B 28 -11.82 -3.82 -0.49
N PRO B 29 -10.93 -4.68 0.00
CA PRO B 29 -10.50 -5.81 -0.82
C PRO B 29 -11.71 -6.54 -1.41
N ASN B 30 -12.69 -6.87 -0.58
CA ASN B 30 -13.89 -7.55 -1.04
C ASN B 30 -14.60 -6.74 -2.12
N GLY B 31 -14.41 -5.42 -2.09
CA GLY B 31 -15.03 -4.59 -3.12
C GLY B 31 -14.37 -4.95 -4.44
N PHE B 32 -13.05 -5.09 -4.42
CA PHE B 32 -12.32 -5.43 -5.64
C PHE B 32 -12.49 -6.88 -6.08
N LYS B 33 -12.79 -7.76 -5.14
CA LYS B 33 -13.01 -9.16 -5.49
C LYS B 33 -14.18 -9.19 -6.47
N VAL B 34 -15.15 -8.30 -6.25
CA VAL B 34 -16.31 -8.21 -7.12
C VAL B 34 -15.88 -7.61 -8.46
N ALA B 35 -15.28 -6.43 -8.38
CA ALA B 35 -14.80 -5.73 -9.57
C ALA B 35 -13.98 -6.66 -10.46
N ILE B 36 -13.03 -7.37 -9.87
CA ILE B 36 -12.18 -8.29 -10.61
C ILE B 36 -12.95 -9.30 -11.44
N VAL B 37 -14.04 -9.83 -10.88
CA VAL B 37 -14.85 -10.80 -11.58
C VAL B 37 -15.79 -10.12 -12.55
N LEU B 38 -16.34 -8.99 -12.13
CA LEU B 38 -17.26 -8.23 -12.96
C LEU B 38 -16.48 -7.89 -14.24
N SER B 39 -15.18 -7.71 -14.07
CA SER B 39 -14.29 -7.35 -15.17
C SER B 39 -13.85 -8.53 -16.05
N GLU B 40 -13.62 -9.69 -15.43
CA GLU B 40 -13.21 -10.85 -16.21
C GLU B 40 -14.34 -11.32 -17.12
N LEU B 41 -15.57 -11.16 -16.65
CA LEU B 41 -16.73 -11.58 -17.43
C LEU B 41 -17.16 -10.53 -18.48
N GLY B 42 -16.47 -9.40 -18.51
CA GLY B 42 -16.81 -8.38 -19.47
C GLY B 42 -18.05 -7.55 -19.13
N PHE B 43 -18.50 -7.64 -17.88
CA PHE B 43 -19.67 -6.87 -17.45
C PHE B 43 -19.30 -5.43 -17.13
N HIS B 44 -19.87 -4.49 -17.87
CA HIS B 44 -19.62 -3.07 -17.67
C HIS B 44 -20.34 -2.62 -16.40
N TYR B 45 -19.82 -1.59 -15.74
CA TYR B 45 -20.43 -1.12 -14.50
C TYR B 45 -19.81 0.18 -13.97
N ASN B 46 -20.57 0.93 -13.18
CA ASN B 46 -20.03 2.16 -12.57
C ASN B 46 -19.90 1.86 -11.08
N THR B 47 -18.84 2.35 -10.46
CA THR B 47 -18.58 2.12 -9.03
C THR B 47 -18.86 3.37 -8.19
N ILE B 48 -19.67 3.22 -7.14
CA ILE B 48 -19.93 4.32 -6.23
C ILE B 48 -19.11 3.99 -4.99
N PHE B 49 -18.18 4.87 -4.62
CA PHE B 49 -17.36 4.63 -3.43
C PHE B 49 -17.97 5.27 -2.20
N LEU B 50 -18.85 4.55 -1.52
CA LEU B 50 -19.52 5.06 -0.32
C LEU B 50 -18.58 5.75 0.65
N ASP B 51 -18.94 6.95 1.08
CA ASP B 51 -18.14 7.69 2.04
C ASP B 51 -18.63 7.30 3.43
N PHE B 52 -17.98 6.30 4.02
CA PHE B 52 -18.35 5.85 5.36
C PHE B 52 -18.24 6.95 6.41
N ASN B 53 -17.23 7.81 6.26
CA ASN B 53 -17.01 8.90 7.20
C ASN B 53 -18.22 9.84 7.25
N LEU B 54 -18.94 9.92 6.13
CA LEU B 54 -20.13 10.77 6.02
C LEU B 54 -21.41 9.96 6.29
N GLY B 55 -21.24 8.71 6.71
CA GLY B 55 -22.38 7.85 7.00
C GLY B 55 -23.26 7.54 5.80
N GLU B 56 -22.67 7.50 4.61
CA GLU B 56 -23.43 7.20 3.40
C GLU B 56 -23.94 5.77 3.39
N HIS B 57 -23.31 4.92 4.20
CA HIS B 57 -23.68 3.53 4.29
C HIS B 57 -24.88 3.35 5.19
N ARG B 58 -25.41 4.47 5.68
CA ARG B 58 -26.57 4.45 6.57
C ARG B 58 -27.75 5.08 5.88
N ALA B 59 -27.63 5.31 4.58
CA ALA B 59 -28.71 5.90 3.81
C ALA B 59 -29.84 4.87 3.73
N PRO B 60 -31.04 5.23 4.22
CA PRO B 60 -32.19 4.33 4.20
C PRO B 60 -32.34 3.62 2.86
N GLU B 61 -32.07 4.33 1.78
CA GLU B 61 -32.18 3.77 0.44
C GLU B 61 -31.16 2.66 0.26
N PHE B 62 -29.95 2.86 0.80
CA PHE B 62 -28.86 1.89 0.71
C PHE B 62 -29.02 0.69 1.64
N VAL B 63 -29.67 0.89 2.77
CA VAL B 63 -29.85 -0.19 3.73
C VAL B 63 -31.03 -1.08 3.31
N SER B 64 -31.60 -0.80 2.15
CA SER B 64 -32.71 -1.60 1.66
C SER B 64 -32.14 -2.54 0.60
N VAL B 65 -31.11 -2.05 -0.07
CA VAL B 65 -30.41 -2.80 -1.10
C VAL B 65 -29.52 -3.83 -0.38
N ASN B 66 -28.80 -3.35 0.63
CA ASN B 66 -27.92 -4.19 1.45
C ASN B 66 -28.24 -3.95 2.92
N PRO B 67 -29.11 -4.79 3.51
CA PRO B 67 -29.51 -4.66 4.91
C PRO B 67 -28.39 -4.62 5.95
N ASN B 68 -27.23 -5.14 5.57
CA ASN B 68 -26.09 -5.18 6.48
C ASN B 68 -25.17 -3.95 6.46
N ALA B 69 -25.53 -2.94 5.67
CA ALA B 69 -24.75 -1.70 5.57
C ALA B 69 -23.23 -1.91 5.47
N ARG B 70 -22.81 -2.84 4.62
CA ARG B 70 -21.39 -3.13 4.42
C ARG B 70 -21.16 -3.25 2.92
N VAL B 71 -19.90 -3.22 2.50
CA VAL B 71 -19.60 -3.35 1.06
C VAL B 71 -18.78 -4.62 0.79
N PRO B 72 -18.82 -5.13 -0.45
CA PRO B 72 -19.56 -4.64 -1.63
C PRO B 72 -21.06 -4.83 -1.59
N ALA B 73 -21.70 -4.40 -2.66
CA ALA B 73 -23.14 -4.50 -2.85
C ALA B 73 -23.29 -4.21 -4.33
N LEU B 74 -23.91 -5.15 -5.04
CA LEU B 74 -24.09 -4.99 -6.47
C LEU B 74 -25.56 -4.91 -6.85
N ILE B 75 -25.89 -3.95 -7.70
CA ILE B 75 -27.25 -3.86 -8.16
C ILE B 75 -27.31 -4.32 -9.61
N ASP B 76 -28.18 -5.29 -9.87
CA ASP B 76 -28.37 -5.81 -11.21
C ASP B 76 -29.57 -5.05 -11.77
N HIS B 77 -29.30 -3.93 -12.42
CA HIS B 77 -30.36 -3.11 -12.99
C HIS B 77 -31.17 -3.92 -13.98
N GLY B 78 -30.47 -4.62 -14.88
CA GLY B 78 -31.14 -5.44 -15.87
C GLY B 78 -32.24 -6.34 -15.29
N MET B 79 -31.98 -6.92 -14.12
CA MET B 79 -32.95 -7.79 -13.47
C MET B 79 -33.83 -7.04 -12.49
N ASP B 80 -34.38 -5.90 -12.94
CA ASP B 80 -35.28 -5.09 -12.12
C ASP B 80 -34.61 -4.55 -10.84
N ASN B 81 -33.41 -4.00 -11.00
CA ASN B 81 -32.65 -3.46 -9.87
C ASN B 81 -32.41 -4.43 -8.73
N LEU B 82 -32.32 -5.72 -9.07
CA LEU B 82 -32.05 -6.75 -8.08
C LEU B 82 -30.82 -6.30 -7.32
N SER B 83 -30.63 -6.82 -6.12
CA SER B 83 -29.50 -6.41 -5.32
C SER B 83 -28.87 -7.53 -4.53
N ILE B 84 -27.60 -7.82 -4.81
CA ILE B 84 -26.90 -8.88 -4.10
C ILE B 84 -25.91 -8.18 -3.18
N TRP B 85 -25.74 -8.68 -1.95
CA TRP B 85 -24.82 -8.03 -1.02
C TRP B 85 -23.61 -8.76 -0.42
N GLU B 86 -23.45 -10.05 -0.63
CA GLU B 86 -22.22 -10.62 -0.09
C GLU B 86 -21.30 -10.81 -1.28
N SER B 87 -20.03 -10.46 -1.12
CA SER B 87 -19.09 -10.61 -2.23
C SER B 87 -19.18 -12.02 -2.82
N GLY B 88 -19.31 -13.01 -1.95
CA GLY B 88 -19.43 -14.39 -2.40
C GLY B 88 -20.72 -14.60 -3.17
N ALA B 89 -21.81 -14.03 -2.65
CA ALA B 89 -23.10 -14.13 -3.30
C ALA B 89 -23.09 -13.38 -4.63
N ILE B 90 -22.33 -12.29 -4.69
CA ILE B 90 -22.24 -11.50 -5.91
C ILE B 90 -21.51 -12.27 -7.02
N LEU B 91 -20.45 -12.98 -6.64
CA LEU B 91 -19.68 -13.75 -7.60
C LEU B 91 -20.56 -14.83 -8.22
N LEU B 92 -21.19 -15.65 -7.39
CA LEU B 92 -22.07 -16.71 -7.88
C LEU B 92 -23.17 -16.15 -8.78
N HIS B 93 -23.67 -14.97 -8.48
CA HIS B 93 -24.72 -14.39 -9.30
C HIS B 93 -24.17 -14.15 -10.70
N LEU B 94 -23.00 -13.54 -10.75
CA LEU B 94 -22.35 -13.22 -12.01
C LEU B 94 -22.07 -14.45 -12.87
N VAL B 95 -21.42 -15.47 -12.29
CA VAL B 95 -21.09 -16.67 -13.07
C VAL B 95 -22.28 -17.47 -13.58
N ASN B 96 -23.39 -17.43 -12.85
CA ASN B 96 -24.61 -18.13 -13.29
C ASN B 96 -25.22 -17.30 -14.39
N LYS B 97 -25.40 -16.01 -14.11
CA LYS B 97 -25.95 -15.08 -15.08
C LYS B 97 -25.14 -15.18 -16.36
N TYR B 98 -23.82 -15.12 -16.25
CA TYR B 98 -22.98 -15.21 -17.42
C TYR B 98 -23.22 -16.52 -18.18
N TYR B 99 -23.34 -17.62 -17.44
CA TYR B 99 -23.54 -18.95 -18.03
C TYR B 99 -24.80 -19.14 -18.85
N LYS B 100 -25.95 -18.74 -18.32
CA LYS B 100 -27.16 -18.94 -19.10
C LYS B 100 -27.29 -17.92 -20.22
N GLU B 101 -26.47 -16.89 -20.19
CA GLU B 101 -26.54 -15.88 -21.23
C GLU B 101 -25.55 -16.13 -22.34
N THR B 102 -24.61 -17.03 -22.13
CA THR B 102 -23.63 -17.29 -23.16
C THR B 102 -23.62 -18.75 -23.56
N GLY B 103 -23.55 -19.61 -22.55
CA GLY B 103 -23.49 -21.03 -22.80
C GLY B 103 -22.13 -21.51 -22.31
N ASN B 104 -21.23 -20.55 -22.09
CA ASN B 104 -19.88 -20.87 -21.62
C ASN B 104 -19.68 -20.43 -20.17
N PRO B 105 -19.33 -21.38 -19.29
CA PRO B 105 -19.12 -21.08 -17.87
C PRO B 105 -17.72 -20.58 -17.57
N LEU B 106 -17.50 -19.30 -17.85
CA LEU B 106 -16.22 -18.65 -17.60
C LEU B 106 -15.97 -18.52 -16.11
N LEU B 107 -14.79 -18.97 -15.65
CA LEU B 107 -14.45 -18.87 -14.23
C LEU B 107 -15.41 -19.71 -13.38
N TRP B 108 -16.32 -20.39 -14.06
CA TRP B 108 -17.33 -21.20 -13.42
C TRP B 108 -17.14 -22.60 -13.99
N SER B 109 -18.15 -23.44 -13.84
CA SER B 109 -18.14 -24.81 -14.35
C SER B 109 -19.59 -25.20 -14.66
N ASP B 110 -19.76 -26.06 -15.66
CA ASP B 110 -21.09 -26.50 -16.04
C ASP B 110 -21.41 -27.86 -15.42
N ASP B 111 -20.44 -28.44 -14.73
CA ASP B 111 -20.61 -29.75 -14.09
C ASP B 111 -20.85 -29.62 -12.57
N LEU B 112 -21.94 -30.23 -12.09
CA LEU B 112 -22.31 -30.19 -10.67
C LEU B 112 -21.15 -30.42 -9.69
N ALA B 113 -20.33 -31.44 -9.93
CA ALA B 113 -19.19 -31.69 -9.04
C ALA B 113 -18.27 -30.48 -8.92
N ASP B 114 -17.71 -30.04 -10.05
CA ASP B 114 -16.82 -28.88 -10.08
C ASP B 114 -17.40 -27.65 -9.35
N GLN B 115 -18.72 -27.46 -9.45
CA GLN B 115 -19.37 -26.34 -8.79
C GLN B 115 -19.22 -26.48 -7.28
N SER B 116 -19.44 -27.70 -6.78
CA SER B 116 -19.31 -27.93 -5.37
C SER B 116 -17.88 -27.58 -4.92
N GLN B 117 -16.88 -28.08 -5.63
CA GLN B 117 -15.48 -27.80 -5.29
C GLN B 117 -15.14 -26.30 -5.37
N ILE B 118 -15.75 -25.58 -6.31
CA ILE B 118 -15.47 -24.14 -6.42
C ILE B 118 -16.06 -23.41 -5.21
N ASN B 119 -17.27 -23.80 -4.82
CA ASN B 119 -17.89 -23.16 -3.67
C ASN B 119 -17.06 -23.45 -2.43
N ALA B 120 -16.68 -24.72 -2.26
CA ALA B 120 -15.87 -25.08 -1.11
C ALA B 120 -14.83 -23.98 -0.92
N TRP B 121 -13.94 -23.80 -1.89
CA TRP B 121 -12.91 -22.77 -1.78
C TRP B 121 -13.53 -21.39 -1.59
N LEU B 122 -14.54 -21.07 -2.37
CA LEU B 122 -15.19 -19.78 -2.25
C LEU B 122 -15.65 -19.48 -0.80
N PHE B 123 -16.29 -20.46 -0.15
CA PHE B 123 -16.75 -20.26 1.22
C PHE B 123 -15.57 -20.16 2.15
N PHE B 124 -14.61 -21.06 1.95
CA PHE B 124 -13.41 -21.06 2.73
C PHE B 124 -12.78 -19.66 2.69
N GLN B 125 -12.81 -19.01 1.52
CA GLN B 125 -12.23 -17.67 1.37
C GLN B 125 -13.03 -16.61 2.10
N THR B 126 -14.34 -16.66 1.99
CA THR B 126 -15.22 -15.69 2.66
C THR B 126 -15.42 -15.99 4.15
N SER B 127 -15.37 -17.27 4.51
CA SER B 127 -15.58 -17.71 5.89
C SER B 127 -14.33 -17.76 6.74
N GLY B 128 -13.29 -18.41 6.23
CA GLY B 128 -12.07 -18.55 7.01
C GLY B 128 -10.85 -17.72 6.64
N HIS B 129 -10.85 -17.14 5.45
CA HIS B 129 -9.72 -16.32 4.99
C HIS B 129 -9.88 -14.85 5.37
N ALA B 130 -10.82 -14.17 4.72
CA ALA B 130 -11.06 -12.75 4.95
C ALA B 130 -11.23 -12.34 6.41
N PRO B 131 -12.19 -12.96 7.12
CA PRO B 131 -12.43 -12.63 8.53
C PRO B 131 -11.22 -12.70 9.47
N MET B 132 -10.45 -13.77 9.40
CA MET B 132 -9.28 -13.88 10.28
C MET B 132 -8.28 -12.78 9.92
N ILE B 133 -8.16 -12.47 8.65
CA ILE B 133 -7.26 -11.41 8.22
C ILE B 133 -7.79 -10.07 8.71
N GLY B 134 -9.10 -10.02 8.91
CA GLY B 134 -9.72 -8.79 9.38
C GLY B 134 -9.53 -8.60 10.88
N GLN B 135 -9.39 -9.70 11.60
CA GLN B 135 -9.20 -9.60 13.03
C GLN B 135 -7.72 -9.36 13.31
N ALA B 136 -6.85 -10.08 12.61
CA ALA B 136 -5.42 -9.90 12.79
C ALA B 136 -5.12 -8.43 12.55
N LEU B 137 -5.68 -7.89 11.46
CA LEU B 137 -5.47 -6.49 11.12
C LEU B 137 -6.05 -5.58 12.19
N HIS B 138 -7.19 -5.98 12.75
CA HIS B 138 -7.85 -5.18 13.78
C HIS B 138 -7.01 -5.06 15.04
N PHE B 139 -6.72 -6.19 15.68
CA PHE B 139 -5.93 -6.11 16.89
C PHE B 139 -4.55 -5.50 16.65
N ARG B 140 -3.89 -5.89 15.57
CA ARG B 140 -2.57 -5.34 15.29
C ARG B 140 -2.60 -3.84 14.97
N TYR B 141 -3.76 -3.27 14.67
CA TYR B 141 -3.81 -1.86 14.31
C TYR B 141 -4.93 -0.95 14.82
N PHE B 142 -6.14 -1.48 15.03
CA PHE B 142 -7.23 -0.60 15.45
C PHE B 142 -7.98 -0.87 16.74
N HIS B 143 -7.65 -1.93 17.47
CA HIS B 143 -8.38 -2.17 18.71
C HIS B 143 -8.12 -1.02 19.68
N SER B 144 -8.86 -0.98 20.79
CA SER B 144 -8.71 0.08 21.78
C SER B 144 -7.50 -0.09 22.70
N GLN B 145 -6.91 -1.28 22.69
CA GLN B 145 -5.74 -1.54 23.52
C GLN B 145 -4.93 -2.66 22.90
N LYS B 146 -3.68 -2.78 23.31
CA LYS B 146 -2.82 -3.81 22.74
C LYS B 146 -3.03 -5.18 23.37
N ILE B 147 -3.30 -6.17 22.53
CA ILE B 147 -3.50 -7.55 23.00
C ILE B 147 -2.69 -8.46 22.10
N ALA B 148 -1.43 -8.65 22.45
CA ALA B 148 -0.53 -9.48 21.67
C ALA B 148 -1.05 -10.89 21.42
N SER B 149 -1.71 -11.48 22.41
CA SER B 149 -2.23 -12.83 22.23
C SER B 149 -3.35 -12.88 21.19
N ALA B 150 -4.10 -11.77 21.07
CA ALA B 150 -5.18 -11.71 20.09
C ALA B 150 -4.57 -11.56 18.70
N VAL B 151 -3.50 -10.77 18.62
CA VAL B 151 -2.81 -10.54 17.37
C VAL B 151 -2.11 -11.81 16.88
N GLU B 152 -1.55 -12.57 17.82
CA GLU B 152 -0.86 -13.81 17.47
C GLU B 152 -1.87 -14.88 17.03
N ARG B 153 -3.00 -14.93 17.72
CA ARG B 153 -4.05 -15.89 17.43
C ARG B 153 -4.54 -15.82 15.99
N TYR B 154 -4.79 -14.61 15.48
CA TYR B 154 -5.30 -14.43 14.11
C TYR B 154 -4.24 -14.46 13.03
N THR B 155 -3.03 -14.04 13.37
CA THR B 155 -1.94 -14.05 12.43
C THR B 155 -1.63 -15.52 12.14
N ASP B 156 -1.79 -16.34 13.17
CA ASP B 156 -1.53 -17.77 13.03
C ASP B 156 -2.57 -18.42 12.15
N GLU B 157 -3.82 -18.01 12.31
CA GLU B 157 -4.88 -18.60 11.53
C GLU B 157 -4.68 -18.29 10.07
N VAL B 158 -4.26 -17.05 9.79
CA VAL B 158 -4.03 -16.65 8.42
C VAL B 158 -2.88 -17.47 7.86
N ARG B 159 -1.85 -17.73 8.66
CA ARG B 159 -0.73 -18.52 8.16
C ARG B 159 -1.13 -19.97 8.01
N ARG B 160 -2.10 -20.41 8.80
CA ARG B 160 -2.56 -21.78 8.71
C ARG B 160 -3.46 -21.96 7.47
N VAL B 161 -4.39 -21.04 7.25
CA VAL B 161 -5.24 -21.19 6.09
C VAL B 161 -4.37 -21.09 4.84
N TYR B 162 -3.37 -20.23 4.85
CA TYR B 162 -2.49 -20.11 3.69
C TYR B 162 -1.79 -21.43 3.46
N GLY B 163 -1.45 -22.11 4.54
CA GLY B 163 -0.80 -23.40 4.40
C GLY B 163 -1.71 -24.37 3.66
N VAL B 164 -3.01 -24.28 3.93
CA VAL B 164 -3.98 -25.16 3.31
C VAL B 164 -4.03 -24.93 1.80
N VAL B 165 -4.08 -23.67 1.39
CA VAL B 165 -4.13 -23.33 -0.03
C VAL B 165 -2.82 -23.76 -0.70
N GLU B 166 -1.71 -23.45 -0.04
CA GLU B 166 -0.37 -23.77 -0.55
C GLU B 166 -0.26 -25.27 -0.77
N MET B 167 -0.69 -26.04 0.23
CA MET B 167 -0.63 -27.49 0.12
C MET B 167 -1.54 -27.94 -1.01
N ALA B 168 -2.69 -27.29 -1.11
CA ALA B 168 -3.66 -27.60 -2.14
C ALA B 168 -3.06 -27.38 -3.53
N LEU B 169 -2.42 -26.24 -3.71
CA LEU B 169 -1.81 -25.92 -4.99
C LEU B 169 -0.60 -26.82 -5.29
N ALA B 170 0.14 -27.20 -4.26
CA ALA B 170 1.30 -28.06 -4.44
C ALA B 170 0.87 -29.41 -5.01
N GLU B 171 -0.23 -29.95 -4.48
CA GLU B 171 -0.73 -31.22 -4.97
C GLU B 171 -1.13 -31.08 -6.42
N ARG B 172 -1.82 -29.99 -6.77
CA ARG B 172 -2.24 -29.78 -8.16
C ARG B 172 -1.02 -29.72 -9.06
N ARG B 173 0.10 -29.20 -8.54
CA ARG B 173 1.30 -29.14 -9.37
C ARG B 173 1.84 -30.55 -9.60
N GLU B 174 2.02 -31.29 -8.51
CA GLU B 174 2.53 -32.65 -8.57
C GLU B 174 1.66 -33.46 -9.54
N ALA B 175 0.37 -33.13 -9.59
CA ALA B 175 -0.57 -33.82 -10.49
C ALA B 175 -0.16 -33.56 -11.94
N LEU B 176 -0.27 -32.31 -12.38
CA LEU B 176 0.11 -31.98 -13.75
C LEU B 176 1.47 -32.60 -14.10
N VAL B 177 2.48 -32.33 -13.28
CA VAL B 177 3.82 -32.87 -13.54
C VAL B 177 3.75 -34.35 -13.90
N MET B 178 3.46 -35.21 -12.93
CA MET B 178 3.38 -36.65 -13.20
C MET B 178 2.14 -36.94 -14.04
N GLU B 179 1.93 -36.09 -15.04
CA GLU B 179 0.81 -36.19 -15.97
C GLU B 179 1.29 -35.63 -17.32
N LEU B 180 2.60 -35.76 -17.53
CA LEU B 180 3.28 -35.32 -18.75
C LEU B 180 4.76 -35.00 -18.47
N ASP B 181 5.49 -36.05 -18.12
CA ASP B 181 6.91 -36.01 -17.81
C ASP B 181 7.24 -37.47 -17.54
N THR B 182 6.32 -38.29 -18.04
CA THR B 182 6.36 -39.74 -17.95
C THR B 182 7.78 -40.30 -18.02
N SER B 198 11.38 -30.14 -13.16
CA SER B 198 11.14 -30.21 -14.61
C SER B 198 10.40 -28.96 -15.11
N ARG B 199 10.70 -28.57 -16.34
CA ARG B 199 10.10 -27.40 -17.01
C ARG B 199 8.68 -27.01 -16.60
N PHE B 200 7.82 -28.01 -16.43
CA PHE B 200 6.43 -27.78 -16.04
C PHE B 200 6.30 -27.43 -14.56
N PHE B 201 7.36 -26.89 -13.97
CA PHE B 201 7.32 -26.51 -12.57
C PHE B 201 6.89 -25.04 -12.45
N ASP B 202 6.48 -24.46 -13.57
CA ASP B 202 6.01 -23.10 -13.57
C ASP B 202 4.86 -22.94 -14.55
N TYR B 203 4.14 -24.04 -14.76
CA TYR B 203 2.98 -24.03 -15.64
C TYR B 203 1.87 -23.57 -14.71
N PRO B 204 0.98 -22.69 -15.19
CA PRO B 204 -0.10 -22.26 -14.28
C PRO B 204 -0.91 -23.40 -13.71
N VAL B 205 -1.25 -23.29 -12.44
CA VAL B 205 -2.05 -24.30 -11.72
C VAL B 205 -3.28 -23.62 -11.10
N TRP B 206 -4.37 -24.37 -10.93
CA TRP B 206 -5.56 -23.78 -10.32
C TRP B 206 -6.19 -24.69 -9.26
N LEU B 207 -7.08 -24.13 -8.45
CA LEU B 207 -7.74 -24.87 -7.39
C LEU B 207 -8.69 -25.96 -7.86
N VAL B 208 -9.45 -25.70 -8.91
CA VAL B 208 -10.39 -26.69 -9.43
C VAL B 208 -10.60 -26.61 -10.95
N GLY B 209 -10.67 -27.78 -11.57
CA GLY B 209 -10.87 -27.87 -13.01
C GLY B 209 -9.70 -27.50 -13.90
N ASP B 210 -8.52 -27.31 -13.34
CA ASP B 210 -7.35 -26.93 -14.13
C ASP B 210 -7.66 -25.76 -15.06
N LYS B 211 -8.42 -24.81 -14.52
CA LYS B 211 -8.81 -23.61 -15.23
C LYS B 211 -8.98 -22.55 -14.15
N LEU B 212 -8.85 -21.29 -14.52
CA LEU B 212 -9.02 -20.23 -13.55
C LEU B 212 -10.51 -20.11 -13.23
N THR B 213 -10.86 -19.99 -11.95
CA THR B 213 -12.25 -19.80 -11.56
C THR B 213 -12.36 -18.75 -10.44
N ILE B 214 -13.60 -18.37 -10.11
CA ILE B 214 -13.83 -17.40 -9.06
C ILE B 214 -13.24 -17.91 -7.75
N ALA B 215 -12.94 -19.20 -7.72
CA ALA B 215 -12.36 -19.81 -6.54
C ALA B 215 -10.97 -19.22 -6.34
N ASP B 216 -10.24 -19.11 -7.46
CA ASP B 216 -8.89 -18.56 -7.46
C ASP B 216 -8.93 -17.05 -7.26
N LEU B 217 -9.55 -16.33 -8.20
CA LEU B 217 -9.61 -14.88 -8.11
C LEU B 217 -9.99 -14.30 -6.75
N ALA B 218 -10.98 -14.90 -6.10
CA ALA B 218 -11.45 -14.42 -4.81
C ALA B 218 -10.33 -14.01 -3.86
N PHE B 219 -9.21 -14.73 -3.89
CA PHE B 219 -8.07 -14.48 -3.02
C PHE B 219 -7.14 -13.31 -3.39
N VAL B 220 -6.94 -13.06 -4.67
CA VAL B 220 -6.00 -12.01 -5.07
C VAL B 220 -6.06 -10.64 -4.36
N PRO B 221 -7.27 -10.09 -4.13
CA PRO B 221 -7.31 -8.78 -3.46
C PRO B 221 -6.63 -8.78 -2.09
N TRP B 222 -6.93 -9.79 -1.29
CA TRP B 222 -6.36 -9.88 0.04
C TRP B 222 -4.89 -10.25 0.01
N ASN B 223 -4.55 -11.20 -0.85
CA ASN B 223 -3.18 -11.67 -0.98
C ASN B 223 -2.15 -10.54 -1.13
N ASN B 224 -2.63 -9.31 -1.24
CA ASN B 224 -1.75 -8.17 -1.39
C ASN B 224 -1.81 -7.33 -0.11
N VAL B 225 -2.69 -7.75 0.78
CA VAL B 225 -2.96 -7.10 2.07
C VAL B 225 -2.16 -7.70 3.22
N VAL B 226 -1.86 -8.98 3.12
CA VAL B 226 -1.13 -9.69 4.18
C VAL B 226 0.24 -9.16 4.60
N ASP B 227 0.89 -8.31 3.80
CA ASP B 227 2.18 -7.82 4.24
C ASP B 227 2.03 -6.95 5.48
N ARG B 228 0.83 -6.38 5.65
CA ARG B 228 0.54 -5.52 6.81
C ARG B 228 0.56 -6.27 8.14
N ILE B 229 0.35 -7.58 8.11
CA ILE B 229 0.38 -8.40 9.33
C ILE B 229 1.68 -9.21 9.37
N GLY B 230 2.64 -8.80 8.56
CA GLY B 230 3.92 -9.47 8.55
C GLY B 230 4.02 -10.82 7.89
N ILE B 231 3.19 -11.09 6.88
CA ILE B 231 3.28 -12.37 6.18
C ILE B 231 3.90 -12.10 4.83
N ASN B 232 4.92 -12.87 4.49
CA ASN B 232 5.62 -12.72 3.23
C ASN B 232 5.30 -13.90 2.31
N ILE B 233 4.22 -13.78 1.54
CA ILE B 233 3.82 -14.84 0.65
C ILE B 233 4.96 -15.38 -0.21
N LYS B 234 5.62 -14.49 -0.94
CA LYS B 234 6.73 -14.90 -1.81
C LYS B 234 7.78 -15.76 -1.10
N ILE B 235 8.13 -15.40 0.13
CA ILE B 235 9.12 -16.17 0.88
C ILE B 235 8.50 -17.36 1.59
N GLU B 236 7.28 -17.18 2.11
CA GLU B 236 6.61 -18.22 2.87
C GLU B 236 5.66 -19.13 2.11
N PHE B 237 5.15 -18.67 0.97
CA PHE B 237 4.20 -19.47 0.19
C PHE B 237 4.44 -19.50 -1.31
N PRO B 238 5.54 -20.15 -1.74
CA PRO B 238 6.03 -20.33 -3.11
C PRO B 238 4.94 -20.62 -4.15
N GLU B 239 4.13 -21.65 -3.90
CA GLU B 239 3.07 -22.01 -4.82
C GLU B 239 2.03 -20.90 -4.90
N VAL B 240 1.75 -20.27 -3.78
CA VAL B 240 0.77 -19.17 -3.76
C VAL B 240 1.31 -18.00 -4.58
N TYR B 241 2.61 -17.73 -4.43
CA TYR B 241 3.26 -16.64 -5.13
C TYR B 241 3.12 -16.70 -6.65
N LYS B 242 3.33 -17.88 -7.24
CA LYS B 242 3.21 -18.03 -8.69
C LYS B 242 1.75 -17.84 -9.03
N TRP B 243 0.91 -18.52 -8.27
CA TRP B 243 -0.54 -18.50 -8.41
C TRP B 243 -1.10 -17.08 -8.47
N THR B 244 -0.67 -16.21 -7.56
CA THR B 244 -1.14 -14.83 -7.53
C THR B 244 -0.56 -14.00 -8.66
N LYS B 245 0.69 -14.30 -9.03
CA LYS B 245 1.36 -13.56 -10.08
C LYS B 245 0.79 -13.75 -11.49
N HIS B 246 0.26 -14.94 -11.79
CA HIS B 246 -0.36 -15.16 -13.09
C HIS B 246 -1.64 -14.33 -13.13
N MET B 247 -2.46 -14.45 -12.08
CA MET B 247 -3.71 -13.71 -11.98
C MET B 247 -3.47 -12.21 -12.10
N MET B 248 -2.35 -11.74 -11.55
CA MET B 248 -1.98 -10.32 -11.58
C MET B 248 -1.54 -9.81 -12.96
N ARG B 249 -1.14 -10.71 -13.85
CA ARG B 249 -0.70 -10.32 -15.18
C ARG B 249 -1.88 -10.21 -16.14
N ARG B 250 -3.04 -10.72 -15.74
CA ARG B 250 -4.23 -10.67 -16.58
C ARG B 250 -4.74 -9.26 -16.78
N PRO B 251 -5.07 -8.90 -18.02
CA PRO B 251 -5.57 -7.57 -18.34
C PRO B 251 -6.83 -7.19 -17.56
N ALA B 252 -7.77 -8.12 -17.47
CA ALA B 252 -9.03 -7.89 -16.76
C ALA B 252 -8.81 -7.65 -15.26
N VAL B 253 -7.84 -8.33 -14.66
CA VAL B 253 -7.57 -8.13 -13.24
C VAL B 253 -6.94 -6.75 -13.04
N ILE B 254 -5.92 -6.45 -13.83
CA ILE B 254 -5.24 -5.16 -13.74
C ILE B 254 -6.24 -4.00 -13.82
N LYS B 255 -7.10 -4.01 -14.84
CA LYS B 255 -8.08 -2.95 -15.01
C LYS B 255 -8.96 -2.77 -13.79
N ALA B 256 -9.30 -3.88 -13.13
CA ALA B 256 -10.16 -3.88 -11.95
C ALA B 256 -9.52 -3.24 -10.73
N LEU B 257 -8.37 -3.77 -10.31
CA LEU B 257 -7.67 -3.25 -9.15
C LEU B 257 -7.20 -1.80 -9.35
N ARG B 258 -6.98 -1.44 -10.60
CA ARG B 258 -6.50 -0.11 -10.96
C ARG B 258 -7.60 0.95 -10.94
N GLY B 259 -8.82 0.58 -11.34
CA GLY B 259 -9.92 1.53 -11.39
C GLY B 259 -10.54 1.90 -10.05
N SER C 6 31.86 -4.63 17.24
CA SER C 6 31.67 -5.80 16.34
C SER C 6 30.21 -5.95 15.91
N ARG C 7 29.30 -5.45 16.74
CA ARG C 7 27.86 -5.50 16.48
C ARG C 7 27.48 -5.35 15.02
N ILE C 8 28.10 -4.40 14.33
CA ILE C 8 27.79 -4.19 12.93
C ILE C 8 28.46 -5.25 12.05
N THR C 9 29.60 -5.77 12.49
CA THR C 9 30.27 -6.78 11.69
C THR C 9 29.55 -8.11 11.81
N LYS C 10 28.82 -8.30 12.90
CA LYS C 10 28.08 -9.54 13.11
C LYS C 10 26.97 -9.60 12.07
N PHE C 11 26.24 -8.50 11.94
CA PHE C 11 25.14 -8.40 10.98
C PHE C 11 25.58 -8.79 9.57
N PHE C 12 26.66 -8.19 9.11
CA PHE C 12 27.14 -8.47 7.76
C PHE C 12 27.54 -9.91 7.52
N GLN C 13 27.64 -10.69 8.59
CA GLN C 13 28.01 -12.07 8.45
C GLN C 13 26.77 -12.95 8.56
N GLU C 14 25.65 -12.32 8.90
CA GLU C 14 24.38 -13.02 9.03
C GLU C 14 23.33 -12.43 8.11
N GLN C 15 23.77 -11.66 7.11
CA GLN C 15 22.84 -11.02 6.18
C GLN C 15 21.84 -11.98 5.53
N PRO C 16 20.61 -11.50 5.28
CA PRO C 16 19.56 -12.30 4.65
C PRO C 16 19.70 -12.23 3.13
N LEU C 17 18.93 -13.01 2.40
CA LEU C 17 19.00 -12.99 0.94
C LEU C 17 17.89 -12.14 0.35
N GLU C 18 16.81 -12.01 1.11
CA GLU C 18 15.63 -11.24 0.74
C GLU C 18 15.42 -10.07 1.71
N GLY C 19 14.51 -9.16 1.35
CA GLY C 19 14.24 -8.06 2.24
C GLY C 19 15.20 -6.90 2.21
N TYR C 20 15.15 -6.11 3.29
CA TYR C 20 16.00 -4.94 3.45
C TYR C 20 16.40 -4.72 4.91
N THR C 21 17.52 -4.03 5.10
CA THR C 21 18.03 -3.72 6.44
C THR C 21 18.22 -2.21 6.46
N LEU C 22 17.58 -1.57 7.43
CA LEU C 22 17.62 -0.11 7.56
C LEU C 22 18.57 0.35 8.64
N PHE C 23 19.56 1.16 8.28
CA PHE C 23 20.47 1.68 9.28
C PHE C 23 19.96 3.01 9.81
N SER C 24 19.59 3.01 11.07
CA SER C 24 19.03 4.19 11.67
C SER C 24 19.50 4.50 13.09
N HIS C 25 18.80 5.47 13.67
CA HIS C 25 19.05 5.94 15.02
C HIS C 25 17.68 5.88 15.70
N ARG C 26 17.66 5.92 17.03
CA ARG C 26 16.42 5.83 17.77
C ARG C 26 15.52 7.08 17.74
N SER C 27 16.08 8.21 17.31
CA SER C 27 15.31 9.45 17.23
C SER C 27 15.45 10.08 15.85
N ALA C 28 16.63 9.89 15.24
CA ALA C 28 16.95 10.42 13.91
C ALA C 28 15.76 10.60 12.99
N PRO C 29 15.38 11.86 12.70
CA PRO C 29 14.24 12.12 11.82
C PRO C 29 14.43 11.49 10.43
N ASN C 30 15.58 11.70 9.80
CA ASN C 30 15.79 11.12 8.47
C ASN C 30 15.65 9.60 8.55
N GLY C 31 15.91 9.03 9.72
CA GLY C 31 15.77 7.60 9.88
C GLY C 31 14.32 7.24 9.67
N PHE C 32 13.47 7.75 10.56
CA PHE C 32 12.05 7.47 10.47
C PHE C 32 11.48 7.70 9.07
N LYS C 33 12.01 8.71 8.38
CA LYS C 33 11.52 8.99 7.03
C LYS C 33 11.51 7.68 6.21
N VAL C 34 12.64 6.99 6.16
CA VAL C 34 12.77 5.75 5.41
C VAL C 34 11.91 4.64 5.98
N ALA C 35 11.84 4.54 7.30
CA ALA C 35 11.03 3.50 7.93
C ALA C 35 9.55 3.65 7.52
N ILE C 36 9.04 4.86 7.60
CA ILE C 36 7.65 5.14 7.23
C ILE C 36 7.31 4.67 5.81
N VAL C 37 8.19 4.97 4.86
CA VAL C 37 7.93 4.53 3.49
C VAL C 37 8.02 3.00 3.43
N LEU C 38 9.07 2.42 4.00
CA LEU C 38 9.23 0.97 4.00
C LEU C 38 7.90 0.28 4.38
N SER C 39 7.30 0.73 5.49
CA SER C 39 6.05 0.18 6.01
C SER C 39 4.87 0.44 5.09
N GLU C 40 4.71 1.69 4.70
CA GLU C 40 3.61 2.07 3.83
C GLU C 40 3.56 1.26 2.54
N LEU C 41 4.65 0.65 2.16
CA LEU C 41 4.68 -0.12 0.94
C LEU C 41 4.69 -1.62 1.19
N GLY C 42 4.51 -2.00 2.46
CA GLY C 42 4.48 -3.40 2.82
C GLY C 42 5.79 -4.17 2.69
N PHE C 43 6.90 -3.46 2.60
CA PHE C 43 8.21 -4.12 2.50
C PHE C 43 8.61 -4.61 3.88
N HIS C 44 9.31 -5.73 3.96
CA HIS C 44 9.73 -6.27 5.25
C HIS C 44 11.15 -5.82 5.51
N TYR C 45 11.42 -5.34 6.72
CA TYR C 45 12.75 -4.85 7.05
C TYR C 45 13.13 -4.95 8.53
N ASN C 46 14.43 -5.08 8.78
CA ASN C 46 14.93 -5.12 10.14
C ASN C 46 15.75 -3.84 10.30
N THR C 47 15.66 -3.23 11.47
CA THR C 47 16.40 -2.01 11.74
C THR C 47 17.59 -2.27 12.64
N ILE C 48 18.72 -1.65 12.30
CA ILE C 48 19.92 -1.74 13.12
C ILE C 48 20.13 -0.30 13.57
N PHE C 49 20.21 -0.09 14.88
CA PHE C 49 20.40 1.24 15.41
C PHE C 49 21.87 1.52 15.71
N LEU C 50 22.31 2.71 15.37
CA LEU C 50 23.69 3.10 15.64
C LEU C 50 23.69 4.13 16.76
N ASP C 51 24.80 4.18 17.48
CA ASP C 51 24.98 5.12 18.57
C ASP C 51 25.96 6.18 18.06
N PHE C 52 25.56 7.45 18.17
CA PHE C 52 26.40 8.56 17.73
C PHE C 52 27.58 8.84 18.66
N ASN C 53 27.36 8.79 19.98
CA ASN C 53 28.47 9.02 20.91
C ASN C 53 29.51 7.95 20.68
N LEU C 54 29.11 6.70 20.86
CA LEU C 54 30.03 5.59 20.66
C LEU C 54 30.55 5.59 19.22
N GLY C 55 30.13 6.61 18.47
CA GLY C 55 30.55 6.78 17.08
C GLY C 55 30.51 5.55 16.20
N GLU C 56 29.49 4.71 16.38
CA GLU C 56 29.36 3.49 15.56
C GLU C 56 29.18 3.85 14.09
N HIS C 57 28.72 5.07 13.83
CA HIS C 57 28.48 5.54 12.48
C HIS C 57 29.77 6.07 11.87
N ARG C 58 30.89 5.57 12.35
CA ARG C 58 32.18 5.99 11.83
C ARG C 58 33.09 4.80 11.63
N ALA C 59 32.72 3.66 12.20
CA ALA C 59 33.51 2.46 12.02
C ALA C 59 33.56 2.22 10.52
N PRO C 60 34.77 2.04 9.97
CA PRO C 60 34.89 1.80 8.53
C PRO C 60 33.89 0.75 8.02
N GLU C 61 33.47 -0.14 8.90
CA GLU C 61 32.52 -1.16 8.53
C GLU C 61 31.24 -0.51 8.01
N PHE C 62 30.83 0.59 8.64
CA PHE C 62 29.61 1.29 8.24
C PHE C 62 29.82 2.26 7.07
N VAL C 63 30.94 2.96 7.07
CA VAL C 63 31.23 3.88 5.98
C VAL C 63 31.31 3.07 4.70
N SER C 64 31.54 1.78 4.84
CA SER C 64 31.61 0.90 3.69
C SER C 64 30.24 0.85 3.04
N VAL C 65 29.22 0.98 3.88
CA VAL C 65 27.83 0.97 3.45
C VAL C 65 27.49 2.36 2.90
N ASN C 66 27.53 3.35 3.77
CA ASN C 66 27.25 4.73 3.38
C ASN C 66 28.51 5.54 3.61
N PRO C 67 29.23 5.88 2.53
CA PRO C 67 30.48 6.66 2.58
C PRO C 67 30.40 7.99 3.34
N ASN C 68 29.22 8.61 3.38
CA ASN C 68 29.03 9.88 4.08
C ASN C 68 28.97 9.73 5.59
N ALA C 69 28.87 8.49 6.08
CA ALA C 69 28.84 8.21 7.53
C ALA C 69 27.64 8.80 8.29
N ARG C 70 26.46 8.71 7.70
CA ARG C 70 25.28 9.24 8.34
C ARG C 70 24.12 8.25 8.22
N VAL C 71 23.01 8.55 8.88
CA VAL C 71 21.82 7.71 8.77
C VAL C 71 20.77 8.59 8.13
N PRO C 72 19.84 8.00 7.36
CA PRO C 72 19.72 6.56 7.10
C PRO C 72 20.70 6.03 6.04
N ALA C 73 20.67 4.71 5.90
CA ALA C 73 21.46 3.95 4.95
C ALA C 73 20.62 2.70 4.88
N LEU C 74 20.39 2.18 3.67
CA LEU C 74 19.56 1.00 3.53
C LEU C 74 20.16 0.01 2.56
N ILE C 75 20.13 -1.25 2.93
CA ILE C 75 20.68 -2.31 2.06
C ILE C 75 19.56 -3.13 1.41
N ASP C 76 19.57 -3.18 0.08
CA ASP C 76 18.58 -3.96 -0.65
C ASP C 76 19.21 -5.32 -0.94
N HIS C 77 18.87 -6.29 -0.09
CA HIS C 77 19.39 -7.65 -0.22
C HIS C 77 19.02 -8.33 -1.55
N GLY C 78 17.74 -8.31 -1.93
CA GLY C 78 17.39 -8.93 -3.19
C GLY C 78 18.25 -8.45 -4.37
N MET C 79 18.76 -7.22 -4.28
CA MET C 79 19.58 -6.67 -5.34
C MET C 79 21.06 -6.78 -4.96
N ASP C 80 21.55 -8.00 -4.87
CA ASP C 80 22.95 -8.28 -4.52
C ASP C 80 23.51 -7.36 -3.43
N ASN C 81 22.73 -7.16 -2.38
CA ASN C 81 23.13 -6.29 -1.28
C ASN C 81 23.41 -4.84 -1.68
N LEU C 82 22.63 -4.32 -2.62
CA LEU C 82 22.83 -2.95 -3.04
C LEU C 82 22.72 -2.06 -1.82
N SER C 83 23.66 -1.13 -1.69
CA SER C 83 23.65 -0.20 -0.56
C SER C 83 23.18 1.16 -1.01
N ILE C 84 22.10 1.65 -0.42
CA ILE C 84 21.59 2.97 -0.77
C ILE C 84 21.66 3.88 0.45
N TRP C 85 22.25 5.06 0.27
CA TRP C 85 22.33 6.04 1.35
C TRP C 85 21.70 7.32 0.85
N GLU C 86 21.33 8.18 1.80
CA GLU C 86 20.64 9.44 1.55
C GLU C 86 19.14 9.15 1.52
N SER C 87 18.44 9.55 2.58
CA SER C 87 17.01 9.32 2.71
C SER C 87 16.22 9.64 1.44
N GLY C 88 16.69 10.63 0.69
CA GLY C 88 16.00 10.99 -0.53
C GLY C 88 16.13 9.90 -1.58
N ALA C 89 17.36 9.47 -1.82
CA ALA C 89 17.64 8.42 -2.79
C ALA C 89 16.97 7.13 -2.38
N ILE C 90 16.87 6.92 -1.07
CA ILE C 90 16.25 5.70 -0.57
C ILE C 90 14.78 5.65 -0.94
N LEU C 91 14.08 6.76 -0.70
CA LEU C 91 12.66 6.80 -1.01
C LEU C 91 12.47 6.57 -2.51
N LEU C 92 13.26 7.27 -3.31
CA LEU C 92 13.15 7.11 -4.76
C LEU C 92 13.40 5.68 -5.20
N HIS C 93 14.27 4.98 -4.49
CA HIS C 93 14.56 3.59 -4.84
C HIS C 93 13.34 2.74 -4.62
N LEU C 94 12.78 2.81 -3.42
CA LEU C 94 11.61 2.02 -3.07
C LEU C 94 10.42 2.28 -3.99
N VAL C 95 9.96 3.52 -4.08
CA VAL C 95 8.82 3.81 -4.95
C VAL C 95 9.07 3.33 -6.36
N ASN C 96 10.25 3.63 -6.93
CA ASN C 96 10.55 3.18 -8.29
C ASN C 96 10.54 1.66 -8.34
N LYS C 97 11.03 1.04 -7.29
CA LYS C 97 11.07 -0.40 -7.25
C LYS C 97 9.65 -0.94 -7.15
N TYR C 98 8.90 -0.44 -6.19
CA TYR C 98 7.52 -0.88 -5.99
C TYR C 98 6.70 -0.74 -7.26
N TYR C 99 6.90 0.35 -7.97
CA TYR C 99 6.17 0.58 -9.20
C TYR C 99 6.47 -0.44 -10.31
N LYS C 100 7.76 -0.68 -10.53
CA LYS C 100 8.20 -1.62 -11.54
C LYS C 100 7.98 -3.07 -11.10
N GLU C 101 7.44 -3.26 -9.91
CA GLU C 101 7.24 -4.60 -9.38
C GLU C 101 5.76 -4.93 -9.29
N THR C 102 4.94 -3.96 -8.90
CA THR C 102 3.50 -4.15 -8.77
C THR C 102 2.68 -3.60 -9.93
N GLY C 103 3.20 -2.57 -10.59
CA GLY C 103 2.46 -1.97 -11.68
C GLY C 103 1.58 -0.88 -11.09
N ASN C 104 1.66 -0.72 -9.78
CA ASN C 104 0.89 0.31 -9.09
C ASN C 104 1.84 1.31 -8.42
N PRO C 105 1.86 2.56 -8.91
CA PRO C 105 2.72 3.62 -8.39
C PRO C 105 2.31 4.19 -7.03
N LEU C 106 2.33 3.36 -5.98
CA LEU C 106 1.99 3.84 -4.63
C LEU C 106 2.97 4.93 -4.17
N LEU C 107 2.45 5.96 -3.51
CA LEU C 107 3.29 7.05 -2.99
C LEU C 107 4.18 7.66 -4.06
N TRP C 108 3.92 7.33 -5.32
CA TRP C 108 4.73 7.80 -6.44
C TRP C 108 3.76 8.23 -7.55
N SER C 109 4.13 7.97 -8.80
CA SER C 109 3.28 8.33 -9.93
C SER C 109 3.79 7.72 -11.23
N ASP C 110 2.88 7.42 -12.15
CA ASP C 110 3.29 6.86 -13.42
C ASP C 110 3.31 7.97 -14.48
N ASP C 111 3.12 9.21 -14.01
CA ASP C 111 3.11 10.40 -14.87
C ASP C 111 4.39 11.19 -14.65
N LEU C 112 5.14 11.41 -15.72
CA LEU C 112 6.41 12.14 -15.63
C LEU C 112 6.23 13.53 -15.01
N ALA C 113 5.18 14.23 -15.41
CA ALA C 113 4.92 15.56 -14.89
C ALA C 113 4.75 15.55 -13.39
N ASP C 114 4.11 14.51 -12.86
CA ASP C 114 3.90 14.43 -11.42
C ASP C 114 5.18 14.05 -10.70
N GLN C 115 5.93 13.12 -11.29
CA GLN C 115 7.17 12.69 -10.69
C GLN C 115 8.11 13.87 -10.49
N SER C 116 8.13 14.77 -11.46
CA SER C 116 9.00 15.91 -11.33
C SER C 116 8.48 16.89 -10.25
N GLN C 117 7.20 16.80 -9.91
CA GLN C 117 6.64 17.67 -8.86
C GLN C 117 6.97 17.06 -7.52
N ILE C 118 6.91 15.73 -7.46
CA ILE C 118 7.21 15.02 -6.24
C ILE C 118 8.68 15.24 -5.91
N ASN C 119 9.55 15.01 -6.89
CA ASN C 119 10.98 15.20 -6.70
C ASN C 119 11.20 16.64 -6.28
N ALA C 120 10.49 17.55 -6.95
CA ALA C 120 10.61 18.96 -6.65
C ALA C 120 10.40 19.17 -5.16
N TRP C 121 9.25 18.79 -4.64
CA TRP C 121 8.98 18.94 -3.21
C TRP C 121 9.95 18.11 -2.36
N LEU C 122 10.37 16.96 -2.88
CA LEU C 122 11.29 16.12 -2.13
C LEU C 122 12.69 16.78 -1.95
N PHE C 123 13.23 17.37 -3.01
CA PHE C 123 14.54 18.00 -2.90
C PHE C 123 14.47 19.22 -1.99
N PHE C 124 13.36 19.93 -2.08
CA PHE C 124 13.13 21.12 -1.27
C PHE C 124 13.17 20.71 0.19
N GLN C 125 12.50 19.60 0.51
CA GLN C 125 12.44 19.10 1.87
C GLN C 125 13.79 18.61 2.37
N THR C 126 14.47 17.80 1.57
CA THR C 126 15.78 17.28 1.97
C THR C 126 16.91 18.31 1.97
N SER C 127 16.75 19.39 1.21
CA SER C 127 17.80 20.39 1.11
C SER C 127 17.50 21.78 1.68
N GLY C 128 16.24 22.12 1.90
CA GLY C 128 15.95 23.44 2.45
C GLY C 128 15.11 23.47 3.71
N HIS C 129 14.67 22.31 4.16
CA HIS C 129 13.83 22.20 5.34
C HIS C 129 14.52 21.53 6.52
N ALA C 130 14.98 20.31 6.30
CA ALA C 130 15.65 19.53 7.34
C ALA C 130 16.99 20.13 7.75
N PRO C 131 17.81 20.54 6.75
CA PRO C 131 19.11 21.11 7.10
C PRO C 131 18.94 22.34 7.97
N MET C 132 17.90 23.12 7.69
CA MET C 132 17.68 24.32 8.47
C MET C 132 17.18 23.95 9.87
N ILE C 133 16.35 22.93 9.98
CA ILE C 133 15.90 22.54 11.31
C ILE C 133 17.16 22.10 12.05
N GLY C 134 18.06 21.45 11.32
CA GLY C 134 19.30 20.98 11.90
C GLY C 134 20.16 22.08 12.47
N GLN C 135 20.39 23.14 11.70
CA GLN C 135 21.21 24.25 12.19
C GLN C 135 20.56 24.94 13.39
N ALA C 136 19.24 25.11 13.33
CA ALA C 136 18.54 25.74 14.45
C ALA C 136 18.83 24.89 15.68
N LEU C 137 18.56 23.60 15.60
CA LEU C 137 18.80 22.69 16.71
C LEU C 137 20.24 22.73 17.19
N HIS C 138 21.19 22.83 16.27
CA HIS C 138 22.58 22.87 16.68
C HIS C 138 22.93 24.16 17.42
N PHE C 139 22.51 25.28 16.88
CA PHE C 139 22.84 26.55 17.50
C PHE C 139 22.02 26.85 18.73
N ARG C 140 20.94 26.11 18.92
CA ARG C 140 20.14 26.36 20.09
C ARG C 140 20.47 25.42 21.24
N TYR C 141 21.15 24.32 20.96
CA TYR C 141 21.47 23.36 22.02
C TYR C 141 22.85 22.70 22.01
N PHE C 142 23.63 22.82 20.94
CA PHE C 142 24.89 22.09 20.96
C PHE C 142 26.16 22.79 20.51
N HIS C 143 26.11 24.11 20.31
CA HIS C 143 27.29 24.81 19.86
C HIS C 143 28.25 25.22 20.98
N SER C 144 29.51 25.37 20.62
CA SER C 144 30.59 25.75 21.54
C SER C 144 30.14 26.92 22.41
N GLN C 145 29.40 27.85 21.82
CA GLN C 145 28.92 29.01 22.53
C GLN C 145 27.53 29.39 22.05
N LYS C 146 26.93 30.36 22.73
CA LYS C 146 25.60 30.83 22.39
C LYS C 146 25.64 31.90 21.31
N ILE C 147 24.83 31.73 20.27
CA ILE C 147 24.77 32.70 19.19
C ILE C 147 23.33 32.91 18.82
N ALA C 148 22.65 33.73 19.60
CA ALA C 148 21.24 34.03 19.40
C ALA C 148 20.87 34.35 17.96
N SER C 149 21.71 35.13 17.28
CA SER C 149 21.43 35.51 15.91
C SER C 149 21.48 34.31 14.98
N ALA C 150 22.31 33.32 15.31
CA ALA C 150 22.40 32.14 14.47
C ALA C 150 21.10 31.36 14.61
N VAL C 151 20.59 31.25 15.83
CA VAL C 151 19.32 30.55 16.03
C VAL C 151 18.20 31.24 15.29
N GLU C 152 18.11 32.56 15.44
CA GLU C 152 17.06 33.32 14.79
C GLU C 152 17.17 33.13 13.29
N ARG C 153 18.40 33.07 12.81
CA ARG C 153 18.66 32.91 11.40
C ARG C 153 17.93 31.68 10.85
N TYR C 154 18.17 30.51 11.46
CA TYR C 154 17.54 29.30 10.97
C TYR C 154 16.08 29.14 11.38
N THR C 155 15.75 29.55 12.59
CA THR C 155 14.37 29.48 13.06
C THR C 155 13.44 30.19 12.07
N ASP C 156 13.93 31.32 11.56
CA ASP C 156 13.20 32.13 10.59
C ASP C 156 13.12 31.43 9.23
N GLU C 157 14.22 30.85 8.80
CA GLU C 157 14.23 30.17 7.50
C GLU C 157 13.27 29.00 7.58
N VAL C 158 13.22 28.33 8.73
CA VAL C 158 12.30 27.22 8.89
C VAL C 158 10.86 27.71 8.78
N ARG C 159 10.54 28.82 9.44
CA ARG C 159 9.18 29.35 9.36
C ARG C 159 8.89 29.86 7.95
N ARG C 160 9.94 30.22 7.23
CA ARG C 160 9.80 30.71 5.87
C ARG C 160 9.30 29.53 5.07
N VAL C 161 10.07 28.45 5.07
CA VAL C 161 9.70 27.24 4.36
C VAL C 161 8.26 26.79 4.67
N TYR C 162 7.92 26.65 5.94
CA TYR C 162 6.56 26.24 6.28
C TYR C 162 5.51 27.15 5.65
N GLY C 163 5.89 28.38 5.34
CA GLY C 163 4.93 29.27 4.71
C GLY C 163 4.64 28.77 3.32
N VAL C 164 5.69 28.33 2.64
CA VAL C 164 5.56 27.82 1.29
C VAL C 164 4.60 26.64 1.26
N VAL C 165 4.85 25.66 2.11
CA VAL C 165 3.97 24.50 2.15
C VAL C 165 2.57 24.91 2.57
N GLU C 166 2.46 25.66 3.67
CA GLU C 166 1.16 26.09 4.17
C GLU C 166 0.31 26.69 3.04
N MET C 167 0.93 27.54 2.22
CA MET C 167 0.22 28.15 1.11
C MET C 167 -0.06 27.14 0.00
N ALA C 168 0.86 26.22 -0.19
CA ALA C 168 0.69 25.19 -1.21
C ALA C 168 -0.49 24.30 -0.82
N LEU C 169 -0.67 24.10 0.47
CA LEU C 169 -1.76 23.25 0.96
C LEU C 169 -3.07 24.01 0.95
N ALA C 170 -2.99 25.33 1.12
CA ALA C 170 -4.18 26.17 1.09
C ALA C 170 -4.87 26.00 -0.27
N GLU C 171 -4.11 26.11 -1.35
CA GLU C 171 -4.65 25.96 -2.69
C GLU C 171 -5.35 24.62 -2.83
N ARG C 172 -4.67 23.53 -2.45
CA ARG C 172 -5.26 22.22 -2.56
C ARG C 172 -6.57 22.18 -1.80
N ARG C 173 -6.56 22.77 -0.61
CA ARG C 173 -7.75 22.83 0.24
C ARG C 173 -8.96 23.36 -0.55
N GLU C 174 -8.76 24.42 -1.32
CA GLU C 174 -9.86 24.97 -2.10
C GLU C 174 -10.17 24.05 -3.27
N ALA C 175 -9.12 23.51 -3.86
CA ALA C 175 -9.26 22.60 -4.99
C ALA C 175 -10.23 21.51 -4.59
N LEU C 176 -9.90 20.82 -3.50
CA LEU C 176 -10.73 19.73 -3.01
C LEU C 176 -12.17 20.18 -2.87
N VAL C 177 -12.38 21.08 -1.91
CA VAL C 177 -13.71 21.61 -1.63
C VAL C 177 -14.47 22.01 -2.90
N MET C 178 -13.91 22.92 -3.70
CA MET C 178 -14.59 23.33 -4.92
C MET C 178 -15.04 22.15 -5.77
N GLU C 179 -14.21 21.11 -5.83
CA GLU C 179 -14.60 19.92 -6.57
C GLU C 179 -15.59 19.22 -5.65
N LEU C 180 -15.28 17.99 -5.24
CA LEU C 180 -16.12 17.22 -4.33
C LEU C 180 -17.42 17.89 -3.87
N ASP C 181 -17.31 19.02 -3.18
CA ASP C 181 -18.48 19.74 -2.71
C ASP C 181 -19.25 20.33 -3.89
N THR C 182 -20.06 19.48 -4.52
CA THR C 182 -20.87 19.86 -5.66
C THR C 182 -22.09 20.62 -5.17
N GLU C 183 -22.45 21.67 -5.91
CA GLU C 183 -23.59 22.50 -5.54
C GLU C 183 -23.36 22.98 -4.11
N ASN C 184 -22.54 24.01 -4.01
CA ASN C 184 -22.15 24.66 -2.76
C ASN C 184 -20.82 25.30 -3.13
N ALA C 185 -20.24 24.81 -4.24
CA ALA C 185 -18.99 25.30 -4.77
C ALA C 185 -19.23 26.65 -5.43
N ALA C 186 -20.49 26.91 -5.77
CA ALA C 186 -20.88 28.17 -6.39
C ALA C 186 -20.91 29.27 -5.34
N ALA C 187 -21.43 28.92 -4.17
CA ALA C 187 -21.53 29.85 -3.05
C ALA C 187 -20.14 30.26 -2.58
N TYR C 188 -19.21 29.31 -2.63
CA TYR C 188 -17.82 29.55 -2.22
C TYR C 188 -17.19 30.62 -3.11
N SER C 189 -17.24 30.41 -4.42
CA SER C 189 -16.69 31.36 -5.38
C SER C 189 -17.31 32.74 -5.15
N ALA C 190 -18.63 32.75 -5.02
CA ALA C 190 -19.34 34.00 -4.78
C ALA C 190 -18.84 34.62 -3.48
N GLY C 191 -19.20 33.97 -2.38
CA GLY C 191 -18.80 34.44 -1.07
C GLY C 191 -19.99 34.40 -0.15
N THR C 192 -21.10 33.87 -0.67
CA THR C 192 -22.34 33.74 0.09
C THR C 192 -22.19 32.75 1.23
N THR C 193 -21.36 31.73 1.00
CA THR C 193 -21.10 30.71 2.00
C THR C 193 -19.60 30.55 2.20
N PRO C 194 -19.13 30.57 3.46
CA PRO C 194 -17.69 30.42 3.75
C PRO C 194 -17.23 29.01 3.42
N MET C 195 -16.18 28.89 2.62
CA MET C 195 -15.65 27.59 2.22
C MET C 195 -15.29 26.73 3.42
N SER C 196 -14.89 27.36 4.53
CA SER C 196 -14.49 26.64 5.73
C SER C 196 -15.66 25.84 6.31
N GLN C 197 -16.81 25.93 5.66
CA GLN C 197 -18.00 25.24 6.13
C GLN C 197 -18.42 24.04 5.30
N SER C 198 -17.51 23.50 4.49
CA SER C 198 -17.84 22.33 3.68
C SER C 198 -17.69 21.08 4.51
N ARG C 199 -18.44 20.03 4.15
CA ARG C 199 -18.34 18.76 4.86
C ARG C 199 -17.03 18.11 4.43
N PHE C 200 -16.19 18.87 3.74
CA PHE C 200 -14.90 18.37 3.26
C PHE C 200 -13.72 19.27 3.65
N PHE C 201 -13.97 20.25 4.51
CA PHE C 201 -12.93 21.16 4.90
C PHE C 201 -11.74 20.53 5.60
N ASP C 202 -11.90 19.30 6.09
CA ASP C 202 -10.81 18.65 6.80
C ASP C 202 -10.35 17.34 6.16
N TYR C 203 -10.82 17.07 4.95
CA TYR C 203 -10.42 15.85 4.25
C TYR C 203 -8.95 15.97 3.90
N PRO C 204 -8.25 14.82 3.81
CA PRO C 204 -6.83 14.82 3.48
C PRO C 204 -6.52 15.57 2.20
N VAL C 205 -5.54 16.45 2.27
CA VAL C 205 -5.13 17.22 1.12
C VAL C 205 -3.65 16.88 0.96
N TRP C 206 -3.21 16.65 -0.27
CA TRP C 206 -1.81 16.30 -0.50
C TRP C 206 -1.08 17.23 -1.47
N LEU C 207 0.25 17.20 -1.42
CA LEU C 207 1.05 18.07 -2.27
C LEU C 207 0.86 17.80 -3.77
N VAL C 208 1.01 16.54 -4.17
CA VAL C 208 0.91 16.21 -5.59
C VAL C 208 -0.19 15.24 -6.01
N GLY C 209 -0.73 15.46 -7.19
CA GLY C 209 -1.78 14.61 -7.75
C GLY C 209 -2.82 13.98 -6.84
N ASP C 210 -3.32 14.76 -5.88
CA ASP C 210 -4.34 14.31 -4.93
C ASP C 210 -4.17 12.91 -4.32
N LYS C 211 -2.92 12.50 -4.08
CA LYS C 211 -2.65 11.20 -3.46
C LYS C 211 -1.42 11.28 -2.58
N LEU C 212 -1.40 10.50 -1.51
CA LEU C 212 -0.26 10.48 -0.61
C LEU C 212 1.00 10.05 -1.36
N THR C 213 2.00 10.93 -1.43
CA THR C 213 3.25 10.59 -2.10
C THR C 213 4.39 10.77 -1.11
N ILE C 214 5.58 10.36 -1.51
CA ILE C 214 6.73 10.48 -0.62
C ILE C 214 7.09 11.93 -0.37
N ALA C 215 6.48 12.84 -1.13
CA ALA C 215 6.75 14.27 -0.95
C ALA C 215 6.22 14.65 0.43
N ASP C 216 4.95 14.34 0.66
CA ASP C 216 4.27 14.61 1.92
C ASP C 216 5.03 13.98 3.09
N LEU C 217 5.19 12.66 3.02
CA LEU C 217 5.87 11.91 4.08
C LEU C 217 7.27 12.41 4.44
N ALA C 218 7.99 12.95 3.47
CA ALA C 218 9.35 13.42 3.72
C ALA C 218 9.37 14.43 4.87
N PHE C 219 8.29 15.20 4.98
CA PHE C 219 8.14 16.21 6.03
C PHE C 219 7.69 15.69 7.39
N VAL C 220 7.03 14.52 7.43
CA VAL C 220 6.51 14.06 8.70
C VAL C 220 7.51 14.03 9.86
N PRO C 221 8.49 13.13 9.81
CA PRO C 221 9.46 13.06 10.90
C PRO C 221 9.91 14.42 11.39
N TRP C 222 10.23 15.31 10.46
CA TRP C 222 10.71 16.65 10.83
C TRP C 222 9.65 17.53 11.44
N ASN C 223 8.41 17.43 10.97
CA ASN C 223 7.33 18.21 11.55
C ASN C 223 7.21 17.92 13.06
N ASN C 224 7.40 16.66 13.45
CA ASN C 224 7.29 16.26 14.86
C ASN C 224 8.35 16.80 15.80
N VAL C 225 9.31 17.57 15.30
CA VAL C 225 10.34 18.07 16.20
C VAL C 225 10.52 19.57 16.26
N VAL C 226 10.02 20.30 15.26
CA VAL C 226 10.18 21.76 15.24
C VAL C 226 9.67 22.46 16.50
N ASP C 227 9.00 21.73 17.38
CA ASP C 227 8.54 22.34 18.63
C ASP C 227 9.79 22.62 19.45
N ARG C 228 10.82 21.80 19.24
CA ARG C 228 12.09 21.94 19.95
C ARG C 228 12.78 23.24 19.60
N ILE C 229 12.39 23.86 18.49
CA ILE C 229 12.97 25.17 18.14
C ILE C 229 11.87 26.24 18.26
N GLY C 230 10.83 25.91 19.02
CA GLY C 230 9.76 26.84 19.27
C GLY C 230 8.72 27.07 18.19
N ILE C 231 8.54 26.11 17.30
CA ILE C 231 7.56 26.27 16.24
C ILE C 231 6.29 25.45 16.53
N ASN C 232 5.20 26.14 16.82
CA ASN C 232 3.94 25.48 17.11
C ASN C 232 3.10 25.39 15.84
N ILE C 233 3.27 24.27 15.14
CA ILE C 233 2.56 24.05 13.90
C ILE C 233 1.06 24.36 14.02
N LYS C 234 0.40 23.80 15.03
CA LYS C 234 -1.03 24.03 15.22
C LYS C 234 -1.44 25.50 15.21
N ILE C 235 -0.71 26.31 15.95
CA ILE C 235 -1.01 27.73 16.01
C ILE C 235 -0.55 28.45 14.77
N GLU C 236 0.65 28.13 14.32
CA GLU C 236 1.24 28.81 13.18
C GLU C 236 0.82 28.43 11.77
N PHE C 237 0.70 27.15 11.48
CA PHE C 237 0.31 26.75 10.13
C PHE C 237 -0.84 25.75 10.11
N PRO C 238 -2.08 26.26 10.15
CA PRO C 238 -3.34 25.52 10.15
C PRO C 238 -3.38 24.33 9.20
N GLU C 239 -3.25 24.61 7.91
CA GLU C 239 -3.28 23.58 6.89
C GLU C 239 -2.18 22.52 7.06
N VAL C 240 -0.97 22.96 7.39
CA VAL C 240 0.10 22.02 7.59
C VAL C 240 -0.31 21.06 8.70
N TYR C 241 -0.86 21.63 9.77
CA TYR C 241 -1.30 20.88 10.93
C TYR C 241 -2.25 19.75 10.58
N LYS C 242 -3.27 20.04 9.78
CA LYS C 242 -4.25 19.03 9.38
C LYS C 242 -3.55 18.01 8.47
N TRP C 243 -2.56 18.51 7.75
CA TRP C 243 -1.76 17.74 6.81
C TRP C 243 -0.87 16.73 7.57
N THR C 244 -0.07 17.24 8.50
CA THR C 244 0.83 16.39 9.27
C THR C 244 0.06 15.47 10.20
N LYS C 245 -1.12 15.88 10.64
CA LYS C 245 -1.91 15.05 11.53
C LYS C 245 -2.58 13.89 10.79
N HIS C 246 -3.03 14.15 9.57
CA HIS C 246 -3.63 13.09 8.79
C HIS C 246 -2.58 12.01 8.60
N MET C 247 -1.34 12.42 8.32
CA MET C 247 -0.25 11.46 8.11
C MET C 247 0.11 10.72 9.39
N MET C 248 0.09 11.42 10.52
CA MET C 248 0.45 10.80 11.78
C MET C 248 -0.55 9.74 12.28
N ARG C 249 -1.78 9.79 11.78
CA ARG C 249 -2.82 8.83 12.19
C ARG C 249 -2.75 7.49 11.46
N ARG C 250 -2.09 7.48 10.30
CA ARG C 250 -1.98 6.27 9.50
C ARG C 250 -1.31 5.12 10.24
N PRO C 251 -1.94 3.93 10.21
CA PRO C 251 -1.39 2.74 10.88
C PRO C 251 0.09 2.54 10.57
N ALA C 252 0.40 2.50 9.28
CA ALA C 252 1.76 2.31 8.82
C ALA C 252 2.76 3.32 9.41
N VAL C 253 2.30 4.55 9.63
CA VAL C 253 3.18 5.57 10.17
C VAL C 253 3.43 5.35 11.65
N ILE C 254 2.38 4.98 12.38
CA ILE C 254 2.50 4.72 13.80
C ILE C 254 3.43 3.54 14.04
N LYS C 255 3.27 2.52 13.20
CA LYS C 255 4.10 1.32 13.28
C LYS C 255 5.58 1.71 13.18
N ALA C 256 5.90 2.54 12.18
CA ALA C 256 7.25 3.02 11.90
C ALA C 256 7.89 3.88 12.99
N LEU C 257 7.11 4.78 13.58
CA LEU C 257 7.62 5.65 14.62
C LEU C 257 7.85 4.93 15.94
N ARG C 258 7.11 3.84 16.12
CA ARG C 258 7.20 2.99 17.32
C ARG C 258 8.46 2.15 17.23
N GLY C 259 8.84 1.80 16.01
CA GLY C 259 10.02 0.98 15.78
C GLY C 259 9.61 -0.40 15.33
N GLU C 260 8.40 -0.50 14.77
CA GLU C 260 7.87 -1.78 14.31
C GLU C 260 7.61 -1.76 12.80
N HIS D 2 9.65 49.84 -4.91
CA HIS D 2 11.05 49.41 -5.24
C HIS D 2 11.04 48.01 -5.86
N VAL D 3 9.89 47.61 -6.38
CA VAL D 3 9.73 46.30 -7.01
C VAL D 3 9.11 46.38 -8.40
N GLU D 4 9.91 46.10 -9.42
CA GLU D 4 9.39 46.10 -10.77
C GLU D 4 9.62 44.70 -11.33
N TYR D 5 8.57 44.11 -11.91
CA TYR D 5 8.67 42.78 -12.50
C TYR D 5 7.70 42.59 -13.67
N SER D 6 7.36 43.70 -14.32
CA SER D 6 6.44 43.67 -15.45
C SER D 6 6.92 42.76 -16.57
N ARG D 7 8.23 42.61 -16.72
CA ARG D 7 8.75 41.74 -17.78
C ARG D 7 8.51 40.27 -17.50
N ILE D 8 8.54 39.90 -16.24
CA ILE D 8 8.30 38.51 -15.84
C ILE D 8 6.86 38.12 -16.19
N THR D 9 5.92 39.01 -15.88
CA THR D 9 4.52 38.76 -16.17
C THR D 9 4.32 38.54 -17.66
N LYS D 10 4.88 39.45 -18.45
CA LYS D 10 4.75 39.39 -19.89
C LYS D 10 5.24 38.04 -20.43
N PHE D 11 6.39 37.58 -19.96
CA PHE D 11 6.93 36.30 -20.41
C PHE D 11 5.88 35.21 -20.24
N PHE D 12 5.20 35.23 -19.10
CA PHE D 12 4.21 34.22 -18.80
C PHE D 12 2.90 34.33 -19.56
N GLN D 13 2.72 35.44 -20.27
CA GLN D 13 1.48 35.63 -21.03
C GLN D 13 1.76 35.48 -22.53
N GLU D 14 2.83 34.77 -22.84
CA GLU D 14 3.25 34.51 -24.21
C GLU D 14 4.50 33.62 -24.26
N GLN D 15 4.45 32.50 -23.54
CA GLN D 15 5.57 31.57 -23.50
C GLN D 15 5.72 30.78 -24.81
N PRO D 16 6.92 30.24 -25.09
CA PRO D 16 7.21 29.45 -26.29
C PRO D 16 6.44 28.12 -26.28
N LEU D 17 6.16 27.56 -27.45
CA LEU D 17 5.41 26.31 -27.52
C LEU D 17 6.28 25.07 -27.35
N GLU D 18 7.56 25.23 -27.65
CA GLU D 18 8.52 24.14 -27.54
C GLU D 18 9.72 24.66 -26.74
N GLY D 19 10.82 23.91 -26.77
CA GLY D 19 12.04 24.32 -26.06
C GLY D 19 11.90 24.49 -24.56
N TYR D 20 12.97 24.96 -23.92
CA TYR D 20 12.98 25.16 -22.48
C TYR D 20 13.37 26.57 -22.10
N THR D 21 12.95 26.97 -20.90
CA THR D 21 13.25 28.30 -20.37
C THR D 21 13.77 28.10 -18.95
N LEU D 22 15.01 28.50 -18.72
CA LEU D 22 15.62 28.37 -17.41
C LEU D 22 15.59 29.69 -16.69
N PHE D 23 15.09 29.70 -15.46
CA PHE D 23 15.08 30.92 -14.67
C PHE D 23 16.28 30.81 -13.76
N SER D 24 17.12 31.84 -13.73
CA SER D 24 18.32 31.79 -12.91
C SER D 24 18.89 33.14 -12.50
N HIS D 25 20.09 33.11 -11.94
CA HIS D 25 20.79 34.31 -11.54
C HIS D 25 22.25 34.14 -11.95
N ARG D 26 22.86 35.21 -12.43
CA ARG D 26 24.25 35.20 -12.89
C ARG D 26 25.29 34.64 -11.92
N SER D 27 24.92 34.43 -10.66
CA SER D 27 25.86 33.92 -9.67
C SER D 27 25.26 32.77 -8.87
N ALA D 28 24.39 32.01 -9.51
CA ALA D 28 23.75 30.89 -8.86
C ALA D 28 24.41 29.61 -9.33
N PRO D 29 25.31 29.03 -8.52
CA PRO D 29 25.98 27.79 -8.90
C PRO D 29 25.00 26.76 -9.45
N ASN D 30 23.85 26.61 -8.79
CA ASN D 30 22.85 25.65 -9.23
C ASN D 30 22.28 26.09 -10.55
N GLY D 31 22.23 27.40 -10.77
CA GLY D 31 21.73 27.91 -12.02
C GLY D 31 22.57 27.27 -13.11
N PHE D 32 23.87 27.50 -13.07
CA PHE D 32 24.73 26.94 -14.11
C PHE D 32 24.81 25.43 -14.14
N LYS D 33 24.46 24.78 -13.02
CA LYS D 33 24.49 23.33 -13.01
C LYS D 33 23.44 22.83 -14.00
N VAL D 34 22.30 23.52 -14.05
CA VAL D 34 21.22 23.13 -14.95
C VAL D 34 21.66 23.41 -16.38
N ALA D 35 22.19 24.61 -16.60
CA ALA D 35 22.68 24.98 -17.93
C ALA D 35 23.58 23.85 -18.46
N ILE D 36 24.52 23.39 -17.65
CA ILE D 36 25.43 22.31 -18.03
C ILE D 36 24.68 21.06 -18.54
N VAL D 37 23.79 20.50 -17.73
CA VAL D 37 23.02 19.32 -18.11
C VAL D 37 22.20 19.53 -19.40
N LEU D 38 21.58 20.70 -19.50
CA LEU D 38 20.79 21.05 -20.68
C LEU D 38 21.67 20.98 -21.92
N SER D 39 22.83 21.64 -21.88
CA SER D 39 23.70 21.63 -23.04
C SER D 39 24.32 20.27 -23.29
N GLU D 40 24.84 19.67 -22.24
CA GLU D 40 25.46 18.36 -22.36
C GLU D 40 24.45 17.35 -22.96
N LEU D 41 23.17 17.70 -22.94
CA LEU D 41 22.12 16.85 -23.48
C LEU D 41 21.54 17.42 -24.76
N GLY D 42 22.09 18.55 -25.21
CA GLY D 42 21.63 19.16 -26.45
C GLY D 42 20.30 19.89 -26.42
N PHE D 43 19.67 19.98 -25.25
CA PHE D 43 18.38 20.67 -25.13
C PHE D 43 18.47 22.18 -25.34
N HIS D 44 17.71 22.68 -26.31
CA HIS D 44 17.67 24.11 -26.61
C HIS D 44 16.98 24.89 -25.49
N TYR D 45 17.69 25.83 -24.89
CA TYR D 45 17.10 26.63 -23.82
C TYR D 45 17.47 28.12 -23.84
N ASN D 46 16.65 28.94 -23.21
CA ASN D 46 16.93 30.36 -23.10
C ASN D 46 16.91 30.66 -21.62
N THR D 47 17.87 31.47 -21.17
CA THR D 47 17.98 31.82 -19.75
C THR D 47 17.49 33.22 -19.45
N ILE D 48 16.73 33.34 -18.36
CA ILE D 48 16.23 34.61 -17.91
C ILE D 48 16.85 34.83 -16.55
N PHE D 49 17.67 35.86 -16.43
CA PHE D 49 18.35 36.19 -15.16
C PHE D 49 17.49 37.11 -14.30
N LEU D 50 16.99 36.56 -13.20
CA LEU D 50 16.14 37.33 -12.30
C LEU D 50 16.91 38.36 -11.49
N ASP D 51 16.24 39.46 -11.17
CA ASP D 51 16.86 40.51 -10.37
C ASP D 51 16.07 40.66 -9.07
N PHE D 52 16.66 40.16 -7.99
CA PHE D 52 16.05 40.18 -6.68
C PHE D 52 15.95 41.56 -6.02
N ASN D 53 16.86 42.46 -6.38
CA ASN D 53 16.84 43.80 -5.82
C ASN D 53 15.55 44.46 -6.34
N LEU D 54 15.10 44.01 -7.50
CA LEU D 54 13.89 44.53 -8.10
C LEU D 54 12.69 43.68 -7.72
N GLY D 55 12.92 42.64 -6.93
CA GLY D 55 11.84 41.77 -6.51
C GLY D 55 11.21 41.01 -7.67
N GLU D 56 11.97 40.89 -8.75
CA GLU D 56 11.48 40.18 -9.93
C GLU D 56 10.96 38.80 -9.53
N HIS D 57 11.75 38.07 -8.76
CA HIS D 57 11.36 36.74 -8.31
C HIS D 57 10.04 36.70 -7.55
N ARG D 58 9.43 37.87 -7.34
CA ARG D 58 8.16 37.95 -6.63
C ARG D 58 6.96 37.99 -7.59
N ALA D 59 7.23 38.02 -8.88
CA ALA D 59 6.16 38.03 -9.87
C ALA D 59 5.21 36.89 -9.55
N PRO D 60 3.92 37.20 -9.29
CA PRO D 60 2.92 36.17 -8.97
C PRO D 60 2.92 35.02 -9.97
N GLU D 61 3.15 35.35 -11.24
CA GLU D 61 3.18 34.36 -12.30
C GLU D 61 4.30 33.38 -12.06
N PHE D 62 5.42 33.90 -11.56
CA PHE D 62 6.61 33.11 -11.27
C PHE D 62 6.42 32.31 -9.98
N VAL D 63 6.13 32.99 -8.89
CA VAL D 63 5.94 32.36 -7.59
C VAL D 63 4.93 31.20 -7.61
N SER D 64 3.88 31.32 -8.42
CA SER D 64 2.88 30.25 -8.47
C SER D 64 3.39 29.07 -9.29
N VAL D 65 4.49 29.30 -10.00
CA VAL D 65 5.09 28.26 -10.81
C VAL D 65 6.35 27.71 -10.12
N ASN D 66 6.72 28.33 -9.00
CA ASN D 66 7.87 27.93 -8.19
C ASN D 66 7.65 28.44 -6.76
N PRO D 67 6.83 27.71 -5.97
CA PRO D 67 6.51 28.08 -4.58
C PRO D 67 7.64 28.70 -3.74
N ASN D 68 8.86 28.20 -3.92
CA ASN D 68 9.98 28.73 -3.14
C ASN D 68 10.45 30.11 -3.59
N ALA D 69 10.34 30.41 -4.88
CA ALA D 69 10.77 31.70 -5.41
C ALA D 69 12.28 31.83 -5.34
N ARG D 70 12.95 30.71 -5.61
CA ARG D 70 14.42 30.66 -5.60
C ARG D 70 14.83 30.06 -6.93
N VAL D 71 15.98 30.47 -7.47
CA VAL D 71 16.45 29.92 -8.72
C VAL D 71 17.32 28.73 -8.34
N PRO D 72 17.47 27.75 -9.25
CA PRO D 72 16.86 27.74 -10.58
C PRO D 72 15.45 27.15 -10.63
N ALA D 73 14.72 27.56 -11.66
CA ALA D 73 13.38 27.08 -11.93
C ALA D 73 13.38 26.90 -13.45
N LEU D 74 12.95 25.73 -13.92
CA LEU D 74 12.93 25.44 -15.34
C LEU D 74 11.50 25.24 -15.85
N ILE D 75 11.23 25.75 -17.06
CA ILE D 75 9.92 25.63 -17.68
C ILE D 75 10.03 24.70 -18.89
N ASP D 76 9.32 23.57 -18.87
CA ASP D 76 9.34 22.63 -19.99
C ASP D 76 8.07 22.89 -20.83
N HIS D 77 8.19 23.82 -21.76
CA HIS D 77 7.09 24.19 -22.63
C HIS D 77 6.51 22.97 -23.33
N GLY D 78 7.40 22.16 -23.93
CA GLY D 78 6.96 20.96 -24.62
C GLY D 78 5.88 20.19 -23.88
N MET D 79 5.90 20.25 -22.55
CA MET D 79 4.93 19.56 -21.72
C MET D 79 4.00 20.61 -21.09
N ASP D 80 3.34 21.39 -21.94
CA ASP D 80 2.41 22.44 -21.49
C ASP D 80 2.97 23.31 -20.38
N ASN D 81 4.14 23.88 -20.60
CA ASN D 81 4.76 24.75 -19.61
C ASN D 81 4.87 24.12 -18.23
N LEU D 82 5.49 22.94 -18.17
CA LEU D 82 5.70 22.25 -16.91
C LEU D 82 6.76 23.05 -16.14
N SER D 83 6.66 23.07 -14.82
CA SER D 83 7.62 23.80 -14.01
C SER D 83 8.30 22.88 -13.00
N ILE D 84 9.63 22.93 -12.94
CA ILE D 84 10.40 22.12 -11.98
C ILE D 84 11.24 23.14 -11.25
N TRP D 85 11.15 23.17 -9.93
CA TRP D 85 11.87 24.18 -9.16
C TRP D 85 12.94 23.79 -8.15
N GLU D 86 13.70 22.74 -8.43
CA GLU D 86 14.78 22.34 -7.55
C GLU D 86 15.85 21.81 -8.48
N SER D 87 17.06 22.31 -8.36
CA SER D 87 18.14 21.88 -9.23
C SER D 87 18.10 20.35 -9.36
N GLY D 88 18.04 19.65 -8.23
CA GLY D 88 18.00 18.19 -8.28
C GLY D 88 16.80 17.67 -9.07
N ALA D 89 15.63 18.23 -8.77
CA ALA D 89 14.39 17.84 -9.43
C ALA D 89 14.54 18.08 -10.91
N ILE D 90 15.14 19.21 -11.25
CA ILE D 90 15.33 19.56 -12.65
C ILE D 90 16.20 18.55 -13.37
N LEU D 91 17.34 18.19 -12.80
CA LEU D 91 18.26 17.25 -13.47
C LEU D 91 17.61 15.87 -13.73
N LEU D 92 16.82 15.39 -12.78
CA LEU D 92 16.16 14.10 -12.96
C LEU D 92 15.10 14.21 -14.07
N HIS D 93 14.53 15.39 -14.22
CA HIS D 93 13.55 15.59 -15.27
C HIS D 93 14.23 15.43 -16.62
N LEU D 94 15.34 16.15 -16.80
CA LEU D 94 16.11 16.14 -18.04
C LEU D 94 16.67 14.76 -18.42
N VAL D 95 17.40 14.12 -17.53
CA VAL D 95 17.92 12.80 -17.86
C VAL D 95 16.75 11.85 -18.14
N ASN D 96 15.69 11.94 -17.33
CA ASN D 96 14.54 11.10 -17.55
C ASN D 96 14.00 11.33 -18.94
N LYS D 97 13.70 12.59 -19.24
CA LYS D 97 13.17 12.96 -20.54
C LYS D 97 14.13 12.58 -21.64
N TYR D 98 15.41 12.84 -21.44
CA TYR D 98 16.37 12.50 -22.47
C TYR D 98 16.27 11.02 -22.82
N TYR D 99 16.26 10.18 -21.80
CA TYR D 99 16.19 8.74 -21.99
C TYR D 99 14.91 8.27 -22.64
N LYS D 100 13.79 8.88 -22.26
CA LYS D 100 12.50 8.49 -22.80
C LYS D 100 12.38 8.75 -24.29
N GLU D 101 13.07 9.78 -24.75
CA GLU D 101 13.02 10.15 -26.16
C GLU D 101 14.07 9.48 -27.02
N THR D 102 15.23 9.21 -26.45
CA THR D 102 16.32 8.63 -27.22
C THR D 102 16.58 7.14 -27.02
N GLY D 103 16.38 6.69 -25.79
CA GLY D 103 16.66 5.30 -25.50
C GLY D 103 18.08 5.19 -24.96
N ASN D 104 18.87 6.25 -25.15
CA ASN D 104 20.25 6.27 -24.64
C ASN D 104 20.33 7.09 -23.35
N PRO D 105 20.56 6.43 -22.18
CA PRO D 105 20.65 7.12 -20.88
C PRO D 105 21.89 7.99 -20.65
N LEU D 106 21.98 9.07 -21.41
CA LEU D 106 23.10 10.00 -21.32
C LEU D 106 23.19 10.69 -19.98
N LEU D 107 24.31 10.49 -19.29
CA LEU D 107 24.52 11.11 -17.97
C LEU D 107 23.62 10.46 -16.92
N TRP D 108 22.80 9.53 -17.35
CA TRP D 108 21.86 8.82 -16.49
C TRP D 108 22.26 7.36 -16.60
N SER D 109 21.31 6.48 -16.33
CA SER D 109 21.54 5.05 -16.42
C SER D 109 20.20 4.30 -16.43
N ASP D 110 20.08 3.32 -17.33
CA ASP D 110 18.85 2.54 -17.44
C ASP D 110 18.88 1.36 -16.48
N ASP D 111 19.81 1.38 -15.52
CA ASP D 111 19.94 0.33 -14.51
C ASP D 111 19.57 0.94 -13.15
N LEU D 112 18.56 0.40 -12.49
CA LEU D 112 18.11 0.93 -11.21
C LEU D 112 19.22 0.98 -10.15
N ALA D 113 20.03 -0.05 -10.07
CA ALA D 113 21.10 -0.07 -9.10
C ALA D 113 21.97 1.18 -9.29
N ASP D 114 22.23 1.54 -10.55
CA ASP D 114 23.04 2.70 -10.88
C ASP D 114 22.29 4.00 -10.57
N GLN D 115 20.99 3.99 -10.84
CA GLN D 115 20.18 5.16 -10.61
C GLN D 115 20.16 5.54 -9.15
N SER D 116 20.06 4.54 -8.28
CA SER D 116 20.05 4.77 -6.85
C SER D 116 21.42 5.31 -6.45
N GLN D 117 22.47 4.80 -7.12
CA GLN D 117 23.86 5.23 -6.87
C GLN D 117 24.05 6.67 -7.30
N ILE D 118 23.38 7.05 -8.38
CA ILE D 118 23.48 8.40 -8.90
C ILE D 118 22.67 9.34 -8.03
N ASN D 119 21.48 8.92 -7.59
CA ASN D 119 20.66 9.78 -6.73
C ASN D 119 21.32 9.97 -5.36
N ALA D 120 22.09 8.99 -4.93
CA ALA D 120 22.76 9.09 -3.63
C ALA D 120 23.71 10.26 -3.65
N TRP D 121 24.51 10.34 -4.72
CA TRP D 121 25.45 11.43 -4.86
C TRP D 121 24.72 12.74 -5.12
N LEU D 122 23.65 12.68 -5.93
CA LEU D 122 22.88 13.88 -6.24
C LEU D 122 22.29 14.52 -4.97
N PHE D 123 21.67 13.68 -4.14
CA PHE D 123 21.09 14.15 -2.88
C PHE D 123 22.19 14.57 -1.92
N PHE D 124 23.30 13.83 -1.93
CA PHE D 124 24.41 14.15 -1.06
C PHE D 124 24.95 15.54 -1.42
N GLN D 125 25.01 15.84 -2.71
CA GLN D 125 25.49 17.15 -3.15
C GLN D 125 24.46 18.27 -2.88
N THR D 126 23.21 18.08 -3.30
CA THR D 126 22.22 19.13 -3.08
C THR D 126 21.87 19.40 -1.62
N SER D 127 21.93 18.36 -0.78
CA SER D 127 21.54 18.51 0.61
C SER D 127 22.64 18.56 1.65
N GLY D 128 23.86 18.19 1.28
CA GLY D 128 24.92 18.19 2.26
C GLY D 128 26.19 18.88 1.81
N HIS D 129 26.20 19.28 0.55
CA HIS D 129 27.36 19.94 -0.04
C HIS D 129 27.07 21.44 -0.17
N ALA D 130 26.13 21.79 -1.04
CA ALA D 130 25.76 23.20 -1.26
C ALA D 130 25.27 23.95 -0.02
N PRO D 131 24.30 23.38 0.73
CA PRO D 131 23.80 24.07 1.92
C PRO D 131 24.91 24.47 2.89
N MET D 132 25.83 23.54 3.12
CA MET D 132 26.92 23.80 4.02
C MET D 132 27.83 24.84 3.37
N ILE D 133 28.04 24.72 2.07
CA ILE D 133 28.86 25.71 1.40
C ILE D 133 28.23 27.08 1.60
N GLY D 134 26.92 27.16 1.41
CA GLY D 134 26.20 28.39 1.60
C GLY D 134 26.32 28.95 3.02
N GLN D 135 26.32 28.09 4.04
CA GLN D 135 26.45 28.60 5.39
C GLN D 135 27.81 29.20 5.62
N ALA D 136 28.87 28.50 5.19
CA ALA D 136 30.23 29.00 5.37
C ALA D 136 30.29 30.42 4.80
N LEU D 137 29.84 30.57 3.56
CA LEU D 137 29.84 31.88 2.93
C LEU D 137 29.12 32.88 3.81
N HIS D 138 27.98 32.46 4.35
CA HIS D 138 27.23 33.39 5.16
C HIS D 138 27.98 33.91 6.38
N PHE D 139 28.42 33.01 7.25
CA PHE D 139 29.13 33.48 8.44
C PHE D 139 30.49 34.08 8.16
N ARG D 140 31.05 33.78 6.99
CA ARG D 140 32.35 34.33 6.65
C ARG D 140 32.25 35.72 6.03
N TYR D 141 31.15 36.00 5.34
CA TYR D 141 30.99 37.28 4.69
C TYR D 141 29.77 38.15 4.98
N PHE D 142 28.58 37.58 5.08
CA PHE D 142 27.41 38.42 5.28
C PHE D 142 26.57 38.32 6.55
N HIS D 143 27.11 37.82 7.64
CA HIS D 143 26.30 37.73 8.84
C HIS D 143 26.44 39.04 9.62
N SER D 144 25.45 39.34 10.46
CA SER D 144 25.48 40.59 11.23
C SER D 144 26.61 40.62 12.24
N GLN D 145 27.51 39.64 12.17
CA GLN D 145 28.63 39.57 13.10
C GLN D 145 29.63 38.49 12.70
N LYS D 146 30.85 38.59 13.21
CA LYS D 146 31.89 37.61 12.92
C LYS D 146 31.97 36.62 14.07
N ILE D 147 31.95 35.33 13.74
CA ILE D 147 32.02 34.28 14.75
C ILE D 147 32.80 33.11 14.18
N ALA D 148 34.08 33.03 14.54
CA ALA D 148 34.97 31.98 14.05
C ALA D 148 34.37 30.60 14.26
N SER D 149 33.71 30.38 15.39
CA SER D 149 33.12 29.07 15.67
C SER D 149 32.09 28.67 14.63
N ALA D 150 31.26 29.62 14.18
CA ALA D 150 30.25 29.28 13.18
C ALA D 150 30.94 29.02 11.85
N VAL D 151 31.90 29.88 11.52
CA VAL D 151 32.61 29.72 10.26
C VAL D 151 33.32 28.38 10.18
N GLU D 152 34.07 28.01 11.22
CA GLU D 152 34.80 26.74 11.21
C GLU D 152 33.84 25.56 11.16
N ARG D 153 32.63 25.76 11.68
CA ARG D 153 31.64 24.69 11.67
C ARG D 153 31.34 24.22 10.25
N TYR D 154 31.15 25.16 9.33
CA TYR D 154 30.81 24.82 7.96
C TYR D 154 31.99 24.57 7.03
N THR D 155 33.10 25.25 7.28
CA THR D 155 34.24 25.02 6.41
C THR D 155 34.74 23.63 6.75
N ASP D 156 34.65 23.25 8.02
CA ASP D 156 35.09 21.92 8.43
C ASP D 156 34.21 20.87 7.79
N GLU D 157 32.91 21.13 7.79
CA GLU D 157 31.96 20.20 7.21
C GLU D 157 32.17 20.03 5.71
N VAL D 158 32.39 21.14 5.01
CA VAL D 158 32.59 21.11 3.57
C VAL D 158 33.90 20.37 3.27
N ARG D 159 34.85 20.47 4.20
CA ARG D 159 36.10 19.74 3.99
C ARG D 159 35.76 18.27 4.22
N ARG D 160 34.88 18.00 5.18
CA ARG D 160 34.49 16.64 5.48
C ARG D 160 33.76 16.06 4.26
N VAL D 161 32.80 16.82 3.71
CA VAL D 161 32.05 16.36 2.55
C VAL D 161 32.99 16.12 1.38
N TYR D 162 33.89 17.07 1.12
CA TYR D 162 34.84 16.88 0.02
C TYR D 162 35.74 15.69 0.31
N GLY D 163 35.88 15.35 1.58
CA GLY D 163 36.69 14.21 1.95
C GLY D 163 36.01 12.95 1.42
N VAL D 164 34.71 12.82 1.67
CA VAL D 164 33.94 11.67 1.21
C VAL D 164 34.11 11.51 -0.31
N VAL D 165 33.86 12.59 -1.05
CA VAL D 165 34.00 12.56 -2.52
C VAL D 165 35.40 12.10 -2.88
N GLU D 166 36.41 12.77 -2.30
CA GLU D 166 37.82 12.46 -2.54
C GLU D 166 38.12 10.97 -2.29
N MET D 167 37.62 10.44 -1.19
CA MET D 167 37.82 9.03 -0.85
C MET D 167 37.15 8.08 -1.85
N ALA D 168 36.11 8.55 -2.54
CA ALA D 168 35.41 7.70 -3.51
C ALA D 168 36.18 7.61 -4.84
N LEU D 169 36.67 8.74 -5.32
CA LEU D 169 37.44 8.74 -6.57
C LEU D 169 38.75 7.99 -6.35
N ALA D 170 39.42 8.29 -5.23
CA ALA D 170 40.68 7.61 -4.91
C ALA D 170 40.46 6.10 -4.99
N GLU D 171 39.30 5.65 -4.52
CA GLU D 171 38.92 4.25 -4.52
C GLU D 171 38.83 3.71 -5.96
N ARG D 172 38.07 4.40 -6.80
CA ARG D 172 37.89 3.99 -8.17
C ARG D 172 39.22 4.02 -8.90
N ARG D 173 40.13 4.85 -8.42
CA ARG D 173 41.46 4.97 -9.02
C ARG D 173 42.33 3.76 -8.69
N GLU D 174 42.49 3.46 -7.41
CA GLU D 174 43.29 2.30 -6.99
C GLU D 174 42.81 1.08 -7.75
N ALA D 175 41.50 0.97 -7.91
CA ALA D 175 40.93 -0.15 -8.63
C ALA D 175 41.46 -0.11 -10.06
N LEU D 176 41.05 0.91 -10.82
CA LEU D 176 41.51 1.04 -12.19
C LEU D 176 42.99 0.71 -12.33
N VAL D 177 43.82 1.45 -11.62
CA VAL D 177 45.27 1.25 -11.67
C VAL D 177 45.67 -0.21 -11.47
N MET D 178 45.14 -0.85 -10.43
CA MET D 178 45.48 -2.24 -10.19
C MET D 178 44.97 -3.14 -11.32
N GLU D 179 43.74 -2.90 -11.74
CA GLU D 179 43.12 -3.68 -12.81
C GLU D 179 43.89 -3.65 -14.13
N LEU D 180 44.42 -2.47 -14.49
CA LEU D 180 45.14 -2.33 -15.76
C LEU D 180 46.64 -2.58 -15.66
N ASP D 181 47.07 -3.13 -14.54
CA ASP D 181 48.48 -3.43 -14.32
C ASP D 181 48.48 -4.40 -13.16
N THR D 182 47.94 -5.58 -13.40
CA THR D 182 47.87 -6.60 -12.36
C THR D 182 49.23 -7.10 -11.87
N GLU D 183 50.20 -7.24 -12.77
CA GLU D 183 51.51 -7.73 -12.37
C GLU D 183 52.27 -6.73 -11.48
N ASN D 184 51.53 -5.78 -10.92
CA ASN D 184 52.13 -4.76 -10.05
C ASN D 184 51.15 -4.22 -9.00
N ALA D 185 49.95 -4.77 -8.98
CA ALA D 185 48.93 -4.32 -8.04
C ALA D 185 49.39 -4.44 -6.58
N ALA D 186 50.17 -5.47 -6.25
CA ALA D 186 50.63 -5.65 -4.89
C ALA D 186 51.29 -4.38 -4.38
N ALA D 187 52.12 -3.76 -5.22
CA ALA D 187 52.80 -2.52 -4.85
C ALA D 187 51.83 -1.35 -4.63
N TYR D 188 50.86 -1.21 -5.54
CA TYR D 188 49.88 -0.12 -5.47
C TYR D 188 48.89 -0.19 -4.30
N SER D 189 48.48 -1.38 -3.88
CA SER D 189 47.52 -1.47 -2.78
C SER D 189 48.18 -1.44 -1.42
N ALA D 190 49.49 -1.63 -1.39
CA ALA D 190 50.24 -1.64 -0.14
C ALA D 190 50.90 -0.27 0.16
N GLY D 191 50.82 0.65 -0.78
CA GLY D 191 51.42 1.97 -0.60
C GLY D 191 52.90 2.05 -0.95
N THR D 192 53.54 0.91 -1.21
CA THR D 192 54.96 0.85 -1.52
C THR D 192 55.38 1.44 -2.88
N THR D 193 54.40 1.90 -3.66
CA THR D 193 54.66 2.50 -4.98
C THR D 193 53.59 3.53 -5.30
N PRO D 194 53.97 4.82 -5.34
CA PRO D 194 52.98 5.86 -5.63
C PRO D 194 52.16 5.61 -6.89
N MET D 195 50.85 5.85 -6.76
CA MET D 195 49.91 5.67 -7.85
C MET D 195 50.34 6.57 -9.01
N SER D 196 51.19 7.54 -8.72
CA SER D 196 51.67 8.45 -9.74
C SER D 196 52.52 7.76 -10.81
N GLN D 197 53.03 6.57 -10.50
CA GLN D 197 53.84 5.83 -11.46
C GLN D 197 52.85 5.20 -12.44
N SER D 198 51.62 5.05 -11.99
CA SER D 198 50.57 4.48 -12.81
C SER D 198 50.37 5.29 -14.09
N ARG D 199 50.58 4.65 -15.22
CA ARG D 199 50.41 5.30 -16.50
C ARG D 199 49.01 5.87 -16.60
N PHE D 200 48.07 5.21 -15.93
CA PHE D 200 46.69 5.66 -15.93
C PHE D 200 46.36 6.29 -14.59
N PHE D 201 47.07 7.37 -14.28
CA PHE D 201 46.89 8.07 -13.01
C PHE D 201 46.09 9.34 -13.24
N ASP D 202 45.98 9.74 -14.51
CA ASP D 202 45.24 10.95 -14.84
C ASP D 202 44.11 10.64 -15.82
N TYR D 203 43.77 9.35 -15.89
CA TYR D 203 42.69 8.90 -16.76
C TYR D 203 41.43 9.33 -15.99
N PRO D 204 40.36 9.71 -16.70
CA PRO D 204 39.15 10.13 -15.98
C PRO D 204 38.42 9.00 -15.29
N VAL D 205 38.13 9.22 -14.01
CA VAL D 205 37.38 8.25 -13.22
C VAL D 205 36.08 8.96 -12.81
N TRP D 206 35.02 8.22 -12.52
CA TRP D 206 33.76 8.82 -12.13
C TRP D 206 33.11 8.14 -10.93
N LEU D 207 32.24 8.88 -10.22
CA LEU D 207 31.56 8.36 -9.06
C LEU D 207 30.74 7.10 -9.32
N VAL D 208 29.98 7.10 -10.42
CA VAL D 208 29.13 5.94 -10.72
C VAL D 208 29.26 5.29 -12.09
N GLY D 209 29.38 3.97 -12.06
CA GLY D 209 29.47 3.17 -13.27
C GLY D 209 30.54 3.43 -14.31
N ASP D 210 31.70 3.88 -13.90
CA ASP D 210 32.79 4.14 -14.85
C ASP D 210 32.32 4.93 -16.10
N LYS D 211 31.44 5.91 -15.89
CA LYS D 211 30.90 6.77 -16.97
C LYS D 211 30.43 8.10 -16.39
N LEU D 212 30.62 9.19 -17.12
CA LEU D 212 30.19 10.51 -16.67
C LEU D 212 28.67 10.55 -16.52
N THR D 213 28.17 11.00 -15.37
CA THR D 213 26.73 11.08 -15.16
C THR D 213 26.39 12.35 -14.37
N ILE D 214 25.10 12.65 -14.23
CA ILE D 214 24.69 13.86 -13.52
C ILE D 214 25.13 13.86 -12.06
N ALA D 215 25.66 12.73 -11.59
CA ALA D 215 26.15 12.63 -10.22
C ALA D 215 27.43 13.45 -10.13
N ASP D 216 28.21 13.39 -11.20
CA ASP D 216 29.47 14.11 -11.24
C ASP D 216 29.27 15.60 -11.49
N LEU D 217 28.47 15.92 -12.50
CA LEU D 217 28.25 17.31 -12.86
C LEU D 217 27.67 18.19 -11.77
N ALA D 218 26.83 17.62 -10.90
CA ALA D 218 26.23 18.41 -9.85
C ALA D 218 27.30 19.15 -9.05
N PHE D 219 28.47 18.55 -8.90
CA PHE D 219 29.55 19.16 -8.13
C PHE D 219 30.39 20.27 -8.77
N VAL D 220 30.66 20.17 -10.06
CA VAL D 220 31.49 21.17 -10.72
C VAL D 220 31.16 22.64 -10.44
N PRO D 221 29.91 23.09 -10.68
CA PRO D 221 29.62 24.50 -10.42
C PRO D 221 30.10 24.99 -9.06
N TRP D 222 30.00 24.11 -8.06
CA TRP D 222 30.41 24.45 -6.69
C TRP D 222 31.89 24.22 -6.47
N ASN D 223 32.47 23.29 -7.23
CA ASN D 223 33.89 23.03 -7.11
C ASN D 223 34.62 24.33 -7.46
N ASN D 224 33.96 25.17 -8.25
CA ASN D 224 34.54 26.45 -8.66
C ASN D 224 34.40 27.54 -7.60
N VAL D 225 33.49 27.37 -6.66
CA VAL D 225 33.28 28.39 -5.66
C VAL D 225 33.77 28.14 -4.22
N VAL D 226 34.00 26.89 -3.83
CA VAL D 226 34.44 26.62 -2.46
C VAL D 226 35.80 27.23 -2.13
N ASP D 227 36.37 27.97 -3.06
CA ASP D 227 37.66 28.59 -2.81
C ASP D 227 37.46 29.95 -2.15
N ARG D 228 36.25 30.46 -2.16
CA ARG D 228 35.96 31.75 -1.55
C ARG D 228 35.93 31.55 -0.03
N ILE D 229 35.93 30.30 0.41
CA ILE D 229 35.93 30.03 1.85
C ILE D 229 37.21 29.33 2.30
N GLY D 230 38.29 29.51 1.53
CA GLY D 230 39.56 28.93 1.91
C GLY D 230 39.86 27.48 1.56
N ILE D 231 38.97 26.80 0.86
CA ILE D 231 39.26 25.41 0.51
C ILE D 231 40.00 25.39 -0.81
N ASN D 232 41.25 24.94 -0.79
CA ASN D 232 42.02 24.84 -2.03
C ASN D 232 41.96 23.41 -2.54
N ILE D 233 41.10 23.16 -3.50
CA ILE D 233 40.95 21.80 -4.02
C ILE D 233 42.21 21.19 -4.56
N LYS D 234 42.88 21.89 -5.48
CA LYS D 234 44.12 21.37 -6.07
C LYS D 234 45.03 20.71 -5.04
N ILE D 235 45.25 21.40 -3.92
CA ILE D 235 46.12 20.93 -2.85
C ILE D 235 45.50 20.01 -1.79
N GLU D 236 44.26 20.26 -1.39
CA GLU D 236 43.63 19.43 -0.37
C GLU D 236 43.00 18.14 -0.90
N PHE D 237 42.35 18.21 -2.07
CA PHE D 237 41.72 17.03 -2.64
C PHE D 237 42.16 16.79 -4.07
N PRO D 238 43.30 16.08 -4.23
CA PRO D 238 43.93 15.73 -5.50
C PRO D 238 43.00 15.09 -6.52
N GLU D 239 42.39 13.96 -6.16
CA GLU D 239 41.48 13.29 -7.09
C GLU D 239 40.35 14.22 -7.49
N VAL D 240 39.83 14.97 -6.53
CA VAL D 240 38.76 15.89 -6.85
C VAL D 240 39.26 16.90 -7.87
N TYR D 241 40.52 17.32 -7.71
CA TYR D 241 41.09 18.30 -8.63
C TYR D 241 41.11 17.82 -10.07
N LYS D 242 41.52 16.57 -10.28
CA LYS D 242 41.57 16.00 -11.63
C LYS D 242 40.14 15.81 -12.14
N TRP D 243 39.31 15.31 -11.24
CA TRP D 243 37.90 15.05 -11.52
C TRP D 243 37.27 16.31 -12.09
N THR D 244 37.42 17.42 -11.38
CA THR D 244 36.86 18.68 -11.82
C THR D 244 37.55 19.31 -13.04
N LYS D 245 38.85 19.11 -13.18
CA LYS D 245 39.51 19.68 -14.35
C LYS D 245 39.00 18.99 -15.61
N HIS D 246 38.76 17.69 -15.52
CA HIS D 246 38.24 16.93 -16.65
C HIS D 246 36.90 17.52 -17.09
N MET D 247 35.96 17.60 -16.16
CA MET D 247 34.64 18.12 -16.46
C MET D 247 34.70 19.51 -17.11
N MET D 248 35.56 20.38 -16.59
CA MET D 248 35.69 21.74 -17.10
C MET D 248 36.34 21.84 -18.50
N ARG D 249 36.75 20.72 -19.08
CA ARG D 249 37.36 20.75 -20.41
C ARG D 249 36.34 20.44 -21.47
N ARG D 250 35.16 20.04 -21.03
CA ARG D 250 34.11 19.69 -21.97
C ARG D 250 33.58 20.95 -22.61
N PRO D 251 33.42 20.93 -23.94
CA PRO D 251 32.91 22.07 -24.70
C PRO D 251 31.49 22.42 -24.26
N ALA D 252 30.72 21.37 -23.93
CA ALA D 252 29.36 21.54 -23.49
C ALA D 252 29.34 22.33 -22.19
N VAL D 253 30.25 21.99 -21.27
CA VAL D 253 30.33 22.69 -20.00
C VAL D 253 30.87 24.10 -20.19
N ILE D 254 31.82 24.26 -21.10
CA ILE D 254 32.40 25.57 -21.39
C ILE D 254 31.35 26.46 -22.06
N LYS D 255 30.62 25.87 -23.00
CA LYS D 255 29.57 26.59 -23.70
C LYS D 255 28.52 27.05 -22.71
N ALA D 256 28.15 26.16 -21.79
CA ALA D 256 27.12 26.45 -20.82
C ALA D 256 27.49 27.43 -19.74
N LEU D 257 28.66 27.23 -19.15
CA LEU D 257 29.13 28.09 -18.08
C LEU D 257 29.63 29.45 -18.52
N ARG D 258 29.14 29.93 -19.65
CA ARG D 258 29.53 31.25 -20.13
C ARG D 258 28.53 32.29 -19.61
N GLY D 259 27.81 32.92 -20.53
CA GLY D 259 26.83 33.93 -20.16
C GLY D 259 26.09 34.45 -21.38
N GLU D 260 25.25 33.57 -21.95
CA GLU D 260 24.48 33.88 -23.15
C GLU D 260 22.97 33.89 -22.88
N1 GSH E . -16.20 -22.08 7.49
CA1 GSH E . -16.52 -23.41 8.05
C1 GSH E . -18.00 -23.84 7.82
O11 GSH E . -18.91 -23.00 7.97
O12 GSH E . -18.21 -25.10 7.52
CB1 GSH E . -16.18 -23.43 9.55
CG1 GSH E . -15.68 -24.82 9.98
CD1 GSH E . -15.37 -24.83 11.49
OE1 GSH E . -14.69 -23.93 12.01
N2 GSH E . -15.89 -25.88 12.15
CA2 GSH E . -15.70 -26.07 13.60
C2 GSH E . -14.49 -26.99 13.86
O2 GSH E . -14.16 -27.87 13.05
CB2 GSH E . -16.96 -26.72 14.20
SG2 GSH E . -18.41 -25.60 14.14
N3 GSH E . -13.80 -26.77 15.02
CA3 GSH E . -12.61 -27.57 15.39
C3 GSH E . -11.37 -26.68 15.49
O31 GSH E . -11.48 -25.45 15.27
O32 GSH E . -10.30 -27.25 15.78
N1 GSH F . 21.01 14.62 3.68
CA1 GSH F . 21.05 13.40 4.48
C1 GSH F . 19.80 12.50 4.28
O11 GSH F . 18.71 13.03 4.05
O12 GSH F . 20.00 11.21 4.35
CB1 GSH F . 21.21 13.77 5.98
CG1 GSH F . 21.91 12.62 6.79
CD1 GSH F . 22.07 13.04 8.27
OE1 GSH F . 22.76 14.04 8.58
N2 GSH F . 21.43 12.22 9.17
CA2 GSH F . 21.51 12.48 10.62
C2 GSH F . 22.77 11.78 11.18
O2 GSH F . 23.21 10.72 10.68
CB2 GSH F . 20.27 11.88 11.35
SG2 GSH F . 18.70 12.83 11.12
N3 GSH F . 23.38 12.37 12.24
CA3 GSH F . 24.60 11.85 12.89
C3 GSH F . 25.69 12.93 12.91
O31 GSH F . 25.45 14.06 12.40
O32 GSH F . 26.77 12.60 13.44
#